data_9FZC
#
_entry.id   9FZC
#
_cell.length_a   56.048
_cell.length_b   55.296
_cell.length_c   107.805
_cell.angle_alpha   90.000
_cell.angle_beta   91.090
_cell.angle_gamma   90.000
#
_symmetry.space_group_name_H-M   'P 1 21 1'
#
loop_
_entity.id
_entity.type
_entity.pdbx_description
1 polymer 'Outer membrane protein A'
2 polymer 'Nanobody 01'
3 non-polymer N-OCTANE
4 non-polymer 'CALCIUM ION'
5 water water
#
loop_
_entity_poly.entity_id
_entity_poly.type
_entity_poly.pdbx_seq_one_letter_code
_entity_poly.pdbx_strand_id
1 'polypeptide(L)'
;MSAPKDNTWYTGAKLGWSQYHDTGFINNNGPTHENQLGAGAFGGYQVNPYVGFEMGYDWLGRMPYKGSVENGAYKAQGVQ
LTAKLGYPITDDLDIYTRLGGMVWRADTKSNVYGKNHDTGVSPVFAGGVEYAITPEIATRLEYQWTNNIGDAHTIGTRPD
NGMLSLGVSYRFA
;
A,B
2 'polypeptide(L)'
;GPSQVQLVESGGGLVQPGGSLRLSCVVSGTGFTFSKSPMSWARQAPGKEREWVSAIFADSSTYYSDSVRGRFTISRDNAK
NTVYLQMNNVKPEDTAVYYCGHRRLGKTTYDYRGKGTRVTVSA
;
C,D
#
loop_
_chem_comp.id
_chem_comp.type
_chem_comp.name
_chem_comp.formula
CA non-polymer 'CALCIUM ION' 'Ca 2'
OCT non-polymer N-OCTANE 'C8 H18'
#
# COMPACT_ATOMS: atom_id res chain seq x y z
N SER A 2 -12.14 -36.68 16.60
CA SER A 2 -12.26 -37.88 15.73
C SER A 2 -12.40 -37.46 14.26
N ALA A 3 -12.04 -38.36 13.35
CA ALA A 3 -12.05 -38.06 11.93
C ALA A 3 -13.47 -38.16 11.38
N PRO A 4 -13.72 -37.59 10.20
CA PRO A 4 -15.02 -37.78 9.54
C PRO A 4 -15.35 -39.26 9.42
N LYS A 5 -16.65 -39.55 9.38
CA LYS A 5 -17.09 -40.94 9.29
C LYS A 5 -16.55 -41.59 8.02
N ASP A 6 -16.47 -42.92 8.04
CA ASP A 6 -15.99 -43.67 6.90
C ASP A 6 -16.86 -43.38 5.68
N ASN A 7 -16.21 -43.12 4.54
CA ASN A 7 -16.91 -42.96 3.26
C ASN A 7 -17.81 -41.72 3.26
N THR A 8 -17.37 -40.66 3.92
CA THR A 8 -18.12 -39.41 4.00
C THR A 8 -17.26 -38.26 3.49
N TRP A 9 -17.94 -37.18 3.12
CA TRP A 9 -17.32 -36.01 2.50
C TRP A 9 -17.32 -34.82 3.45
N TYR A 10 -16.44 -33.87 3.18
CA TYR A 10 -16.39 -32.62 3.95
C TYR A 10 -15.80 -31.52 3.09
N THR A 11 -16.08 -30.28 3.50
CA THR A 11 -15.61 -29.09 2.80
C THR A 11 -15.13 -28.08 3.84
N GLY A 12 -14.21 -27.20 3.44
CA GLY A 12 -13.63 -26.27 4.39
C GLY A 12 -12.85 -25.16 3.71
N ALA A 13 -12.42 -24.22 4.54
CA ALA A 13 -11.63 -23.08 4.09
C ALA A 13 -10.67 -22.70 5.20
N LYS A 14 -9.64 -21.94 4.84
CA LYS A 14 -8.56 -21.63 5.77
C LYS A 14 -7.99 -20.24 5.48
N LEU A 15 -7.43 -19.64 6.53
CA LEU A 15 -6.65 -18.41 6.43
C LEU A 15 -5.33 -18.65 7.17
N GLY A 16 -4.27 -17.95 6.75
CA GLY A 16 -2.99 -18.25 7.35
C GLY A 16 -1.93 -17.18 7.13
N TRP A 17 -0.86 -17.33 7.91
CA TRP A 17 0.35 -16.52 7.78
C TRP A 17 1.25 -17.20 6.76
N SER A 18 1.32 -16.65 5.56
CA SER A 18 2.16 -17.18 4.49
C SER A 18 3.51 -16.48 4.52
N GLN A 19 4.57 -17.27 4.40
CA GLN A 19 5.93 -16.75 4.43
C GLN A 19 6.75 -17.45 3.35
N TYR A 20 7.27 -16.69 2.41
CA TYR A 20 8.14 -17.25 1.39
C TYR A 20 9.58 -17.33 1.89
N HIS A 21 10.32 -18.31 1.36
CA HIS A 21 11.72 -18.51 1.70
C HIS A 21 12.54 -18.67 0.41
N ASP A 22 13.83 -18.42 0.53
CA ASP A 22 14.76 -18.47 -0.61
C ASP A 22 14.19 -17.65 -1.77
N THR A 23 14.03 -16.35 -1.52
CA THR A 23 13.27 -15.46 -2.39
C THR A 23 14.16 -14.69 -3.36
N GLY A 24 15.39 -15.15 -3.59
CA GLY A 24 16.28 -14.45 -4.50
C GLY A 24 15.65 -14.20 -5.85
N PHE A 25 15.68 -12.95 -6.31
CA PHE A 25 14.98 -12.56 -7.52
C PHE A 25 15.69 -11.39 -8.21
N ILE A 26 15.66 -10.22 -7.58
CA ILE A 26 16.29 -9.01 -8.09
C ILE A 26 17.08 -8.36 -6.97
N ASN A 27 17.95 -7.42 -7.35
CA ASN A 27 18.79 -6.69 -6.40
C ASN A 27 18.11 -5.40 -5.95
N ASN A 28 16.95 -5.57 -5.32
CA ASN A 28 16.20 -4.42 -4.83
C ASN A 28 16.87 -3.87 -3.57
N ASN A 29 16.93 -2.54 -3.47
CA ASN A 29 17.57 -1.88 -2.36
C ASN A 29 16.61 -1.59 -1.21
N GLY A 30 15.32 -1.91 -1.38
CA GLY A 30 14.34 -1.68 -0.36
C GLY A 30 13.89 -2.95 0.32
N PRO A 31 12.78 -2.89 1.04
CA PRO A 31 12.31 -4.08 1.77
C PRO A 31 11.68 -5.11 0.84
N THR A 32 11.87 -6.38 1.19
CA THR A 32 11.15 -7.50 0.58
C THR A 32 10.25 -8.10 1.66
N HIS A 33 8.93 -7.96 1.46
CA HIS A 33 7.94 -8.40 2.45
C HIS A 33 7.57 -9.84 2.17
N GLU A 34 8.30 -10.78 2.78
CA GLU A 34 8.02 -12.19 2.58
C GLU A 34 6.78 -12.67 3.31
N ASN A 35 6.29 -11.90 4.29
CA ASN A 35 5.16 -12.30 5.11
C ASN A 35 3.86 -11.76 4.51
N GLN A 36 2.91 -12.65 4.25
CA GLN A 36 1.65 -12.25 3.62
C GLN A 36 0.52 -13.10 4.18
N LEU A 37 -0.70 -12.66 3.89
CA LEU A 37 -1.91 -13.39 4.26
C LEU A 37 -2.21 -14.43 3.19
N GLY A 38 -2.24 -15.70 3.59
CA GLY A 38 -2.64 -16.78 2.71
C GLY A 38 -4.08 -17.18 2.94
N ALA A 39 -4.65 -17.82 1.92
CA ALA A 39 -6.04 -18.25 1.97
C ALA A 39 -6.22 -19.48 1.10
N GLY A 40 -7.18 -20.32 1.46
CA GLY A 40 -7.45 -21.52 0.69
C GLY A 40 -8.79 -22.12 1.02
N ALA A 41 -9.27 -22.94 0.10
CA ALA A 41 -10.47 -23.76 0.29
C ALA A 41 -10.11 -25.20 -0.01
N PHE A 42 -10.74 -26.11 0.71
CA PHE A 42 -10.41 -27.53 0.56
C PHE A 42 -11.66 -28.38 0.74
N GLY A 43 -11.67 -29.50 0.01
CA GLY A 43 -12.69 -30.51 0.19
C GLY A 43 -12.02 -31.86 0.34
N GLY A 44 -12.73 -32.78 0.99
CA GLY A 44 -12.11 -34.05 1.33
C GLY A 44 -13.08 -35.22 1.38
N TYR A 45 -12.51 -36.40 1.31
CA TYR A 45 -13.21 -37.67 1.45
C TYR A 45 -12.45 -38.53 2.44
N GLN A 46 -13.15 -39.03 3.44
CA GLN A 46 -12.53 -39.88 4.47
C GLN A 46 -12.75 -41.34 4.14
N VAL A 47 -11.66 -42.10 4.07
CA VAL A 47 -11.73 -43.53 3.78
C VAL A 47 -11.95 -44.33 5.06
N ASN A 48 -11.12 -44.07 6.07
CA ASN A 48 -11.20 -44.73 7.36
C ASN A 48 -10.77 -43.71 8.42
N PRO A 49 -10.82 -44.04 9.71
CA PRO A 49 -10.50 -43.03 10.73
C PRO A 49 -9.08 -42.50 10.66
N TYR A 50 -8.20 -43.12 9.87
CA TYR A 50 -6.81 -42.71 9.78
C TYR A 50 -6.40 -42.17 8.42
N VAL A 51 -7.22 -42.37 7.38
CA VAL A 51 -6.83 -42.05 6.01
C VAL A 51 -7.93 -41.27 5.33
N GLY A 52 -7.57 -40.16 4.70
CA GLY A 52 -8.50 -39.40 3.89
C GLY A 52 -7.76 -38.73 2.76
N PHE A 53 -8.53 -38.28 1.77
CA PHE A 53 -8.01 -37.57 0.62
C PHE A 53 -8.71 -36.21 0.54
N GLU A 54 -7.93 -35.15 0.35
CA GLU A 54 -8.51 -33.82 0.28
C GLU A 54 -7.86 -33.03 -0.85
N MET A 55 -8.67 -32.19 -1.48
CA MET A 55 -8.27 -31.34 -2.60
C MET A 55 -8.61 -29.90 -2.27
N GLY A 56 -7.78 -28.98 -2.74
CA GLY A 56 -7.97 -27.58 -2.37
C GLY A 56 -7.24 -26.62 -3.27
N TYR A 57 -7.68 -25.37 -3.23
CA TYR A 57 -7.04 -24.24 -3.87
C TYR A 57 -6.35 -23.40 -2.80
N ASP A 58 -5.14 -22.93 -3.11
CA ASP A 58 -4.36 -22.11 -2.19
C ASP A 58 -3.97 -20.80 -2.87
N TRP A 59 -4.18 -19.69 -2.16
CA TRP A 59 -3.63 -18.39 -2.51
C TRP A 59 -2.52 -18.09 -1.52
N LEU A 60 -1.28 -18.06 -2.01
CA LEU A 60 -0.12 -17.97 -1.14
C LEU A 60 0.35 -16.55 -0.89
N GLY A 61 -0.26 -15.56 -1.54
CA GLY A 61 0.05 -14.17 -1.28
C GLY A 61 1.03 -13.59 -2.29
N ARG A 62 1.04 -12.26 -2.34
CA ARG A 62 1.87 -11.51 -3.26
C ARG A 62 3.02 -10.88 -2.48
N MET A 63 4.26 -11.19 -2.89
CA MET A 63 5.44 -10.72 -2.18
C MET A 63 6.04 -9.53 -2.92
N PRO A 64 6.07 -8.34 -2.31
CA PRO A 64 6.69 -7.19 -2.99
C PRO A 64 8.19 -7.09 -2.77
N TYR A 65 8.89 -6.71 -3.83
CA TYR A 65 10.32 -6.41 -3.78
C TYR A 65 10.46 -4.90 -3.97
N LYS A 66 10.49 -4.17 -2.87
CA LYS A 66 10.54 -2.72 -2.90
C LYS A 66 11.98 -2.24 -3.08
N GLY A 67 12.12 -1.11 -3.79
CA GLY A 67 13.43 -0.54 -4.03
C GLY A 67 13.31 0.70 -4.88
N SER A 68 14.37 1.53 -4.82
CA SER A 68 14.38 2.79 -5.56
C SER A 68 14.79 2.59 -7.01
N VAL A 69 15.67 1.63 -7.29
CA VAL A 69 16.07 1.32 -8.66
C VAL A 69 15.32 0.08 -9.11
N GLU A 70 15.81 -1.10 -8.75
CA GLU A 70 15.16 -2.35 -9.11
C GLU A 70 14.03 -2.65 -8.14
N ASN A 71 12.87 -3.01 -8.67
CA ASN A 71 11.73 -3.37 -7.84
C ASN A 71 10.83 -4.32 -8.61
N GLY A 72 9.94 -5.00 -7.89
CA GLY A 72 9.07 -5.96 -8.51
C GLY A 72 8.22 -6.66 -7.48
N ALA A 73 7.57 -7.74 -7.92
CA ALA A 73 6.69 -8.51 -7.06
C ALA A 73 6.60 -9.94 -7.57
N TYR A 74 6.22 -10.83 -6.66
CA TYR A 74 6.03 -12.26 -6.93
C TYR A 74 4.67 -12.67 -6.40
N LYS A 75 4.02 -13.60 -7.12
CA LYS A 75 2.71 -14.08 -6.75
C LYS A 75 2.60 -15.55 -7.10
N ALA A 76 1.87 -16.30 -6.27
CA ALA A 76 1.74 -17.73 -6.49
C ALA A 76 0.40 -18.23 -5.96
N GLN A 77 -0.15 -19.23 -6.65
CA GLN A 77 -1.41 -19.87 -6.29
C GLN A 77 -1.40 -21.25 -6.93
N GLY A 78 -2.31 -22.11 -6.48
CA GLY A 78 -2.32 -23.45 -7.03
C GLY A 78 -3.46 -24.30 -6.52
N VAL A 79 -3.60 -25.47 -7.15
CA VAL A 79 -4.51 -26.52 -6.73
C VAL A 79 -3.67 -27.69 -6.23
N GLN A 80 -4.12 -28.31 -5.14
CA GLN A 80 -3.34 -29.37 -4.51
C GLN A 80 -4.20 -30.61 -4.28
N LEU A 81 -3.52 -31.74 -4.19
CA LEU A 81 -4.12 -33.02 -3.84
C LEU A 81 -3.18 -33.73 -2.88
N THR A 82 -3.71 -34.19 -1.75
CA THR A 82 -2.88 -34.77 -0.70
C THR A 82 -3.64 -35.91 -0.02
N ALA A 83 -2.87 -36.83 0.55
CA ALA A 83 -3.38 -37.86 1.43
C ALA A 83 -3.22 -37.41 2.88
N LYS A 84 -4.30 -37.43 3.64
CA LYS A 84 -4.29 -37.03 5.04
C LYS A 84 -4.22 -38.27 5.92
N LEU A 85 -3.16 -38.36 6.73
CA LEU A 85 -2.94 -39.47 7.64
C LEU A 85 -2.87 -38.94 9.06
N GLY A 86 -3.71 -39.46 9.94
CA GLY A 86 -3.76 -38.99 11.31
C GLY A 86 -4.24 -40.06 12.26
N TYR A 87 -4.15 -39.75 13.54
CA TYR A 87 -4.61 -40.63 14.60
C TYR A 87 -4.98 -39.76 15.80
N PRO A 88 -5.76 -40.30 16.74
CA PRO A 88 -6.30 -39.44 17.80
C PRO A 88 -5.33 -39.19 18.94
N ILE A 89 -5.31 -37.94 19.40
CA ILE A 89 -4.74 -37.61 20.70
C ILE A 89 -5.78 -37.77 21.79
N THR A 90 -7.01 -37.33 21.51
CA THR A 90 -8.16 -37.52 22.38
C THR A 90 -9.33 -37.92 21.49
N ASP A 91 -10.51 -38.10 22.10
CA ASP A 91 -11.67 -38.53 21.32
C ASP A 91 -12.11 -37.47 20.32
N ASP A 92 -11.75 -36.21 20.54
CA ASP A 92 -12.11 -35.13 19.63
C ASP A 92 -10.92 -34.44 18.97
N LEU A 93 -9.71 -34.57 19.53
CA LEU A 93 -8.52 -33.94 18.98
C LEU A 93 -7.68 -34.99 18.25
N ASP A 94 -7.39 -34.74 16.97
CA ASP A 94 -6.56 -35.61 16.17
C ASP A 94 -5.31 -34.87 15.72
N ILE A 95 -4.22 -35.62 15.55
CA ILE A 95 -2.99 -35.12 14.95
C ILE A 95 -2.87 -35.78 13.59
N TYR A 96 -2.36 -35.03 12.60
CA TYR A 96 -2.33 -35.53 11.24
C TYR A 96 -1.16 -34.93 10.48
N THR A 97 -0.85 -35.57 9.35
CA THR A 97 0.04 -35.03 8.34
C THR A 97 -0.66 -35.16 6.98
N ARG A 98 -0.28 -34.29 6.05
CA ARG A 98 -0.76 -34.37 4.68
C ARG A 98 0.44 -34.42 3.73
N LEU A 99 0.36 -35.30 2.74
CA LEU A 99 1.44 -35.49 1.78
C LEU A 99 0.84 -35.56 0.38
N GLY A 100 1.43 -34.79 -0.54
CA GLY A 100 0.98 -34.80 -1.91
C GLY A 100 1.67 -33.77 -2.78
N GLY A 101 0.91 -33.15 -3.69
CA GLY A 101 1.48 -32.23 -4.64
C GLY A 101 0.54 -31.10 -4.95
N MET A 102 1.12 -30.00 -5.44
CA MET A 102 0.36 -28.82 -5.84
C MET A 102 0.77 -28.44 -7.26
N VAL A 103 -0.23 -28.22 -8.12
CA VAL A 103 -0.02 -27.62 -9.42
C VAL A 103 -0.23 -26.12 -9.28
N TRP A 104 0.81 -25.34 -9.55
CA TRP A 104 0.83 -23.93 -9.23
C TRP A 104 1.05 -23.09 -10.48
N ARG A 105 0.57 -21.85 -10.42
CA ARG A 105 0.93 -20.81 -11.37
C ARG A 105 1.62 -19.70 -10.59
N ALA A 106 2.80 -19.30 -11.03
CA ALA A 106 3.58 -18.26 -10.38
C ALA A 106 3.78 -17.12 -11.37
N ASP A 107 3.58 -15.89 -10.90
CA ASP A 107 3.78 -14.69 -11.69
C ASP A 107 4.81 -13.80 -11.01
N THR A 108 5.66 -13.17 -11.80
CA THR A 108 6.57 -12.15 -11.32
C THR A 108 6.39 -10.89 -12.14
N LYS A 109 6.53 -9.75 -11.48
CA LYS A 109 6.56 -8.45 -12.12
C LYS A 109 7.81 -7.73 -11.64
N SER A 110 8.50 -7.08 -12.57
CA SER A 110 9.62 -6.23 -12.20
C SER A 110 9.93 -5.30 -13.36
N ASN A 111 10.46 -4.12 -13.04
CA ASN A 111 10.96 -3.26 -14.09
C ASN A 111 12.14 -3.91 -14.79
N VAL A 112 12.93 -4.69 -14.05
CA VAL A 112 14.14 -5.29 -14.60
C VAL A 112 13.78 -6.26 -15.73
N TYR A 113 12.86 -7.19 -15.46
CA TYR A 113 12.56 -8.26 -16.40
C TYR A 113 11.14 -8.21 -16.97
N GLY A 114 10.32 -7.26 -16.54
CA GLY A 114 8.96 -7.20 -17.05
C GLY A 114 8.04 -8.21 -16.37
N LYS A 115 7.02 -8.64 -17.12
CA LYS A 115 6.03 -9.58 -16.64
C LYS A 115 6.37 -10.99 -17.10
N ASN A 116 6.36 -11.94 -16.17
CA ASN A 116 6.67 -13.33 -16.46
C ASN A 116 5.76 -14.23 -15.62
N HIS A 117 5.48 -15.41 -16.14
CA HIS A 117 4.72 -16.41 -15.38
C HIS A 117 5.14 -17.79 -15.83
N ASP A 118 4.81 -18.79 -15.01
CA ASP A 118 5.12 -20.18 -15.30
C ASP A 118 4.18 -21.06 -14.50
N THR A 119 4.09 -22.32 -14.91
CA THR A 119 3.33 -23.34 -14.20
C THR A 119 4.23 -24.53 -13.93
N GLY A 120 3.89 -25.28 -12.88
CA GLY A 120 4.70 -26.42 -12.52
C GLY A 120 4.07 -27.20 -11.39
N VAL A 121 4.84 -28.13 -10.85
CA VAL A 121 4.40 -29.01 -9.79
C VAL A 121 5.37 -28.89 -8.61
N SER A 122 4.82 -28.82 -7.41
CA SER A 122 5.59 -28.79 -6.18
C SER A 122 5.03 -29.79 -5.19
N PRO A 123 5.87 -30.44 -4.40
CA PRO A 123 5.35 -31.32 -3.35
C PRO A 123 4.87 -30.53 -2.14
N VAL A 124 3.86 -31.09 -1.48
CA VAL A 124 3.23 -30.49 -0.31
C VAL A 124 3.44 -31.40 0.90
N PHE A 125 4.00 -30.85 1.97
CA PHE A 125 4.12 -31.52 3.25
C PHE A 125 3.45 -30.67 4.30
N ALA A 126 2.51 -31.25 5.03
CA ALA A 126 1.77 -30.50 6.06
C ALA A 126 1.56 -31.37 7.28
N GLY A 127 1.52 -30.70 8.43
CA GLY A 127 1.18 -31.36 9.68
C GLY A 127 0.39 -30.42 10.56
N GLY A 128 -0.51 -30.98 11.35
CA GLY A 128 -1.35 -30.15 12.20
C GLY A 128 -2.20 -30.98 13.13
N VAL A 129 -3.16 -30.30 13.77
CA VAL A 129 -4.13 -30.94 14.63
C VAL A 129 -5.51 -30.47 14.22
N GLU A 130 -6.50 -31.34 14.43
CA GLU A 130 -7.88 -31.07 14.05
C GLU A 130 -8.77 -31.43 15.23
N TYR A 131 -9.64 -30.50 15.63
CA TYR A 131 -10.52 -30.68 16.78
C TYR A 131 -11.96 -30.66 16.31
N ALA A 132 -12.73 -31.67 16.73
CA ALA A 132 -14.15 -31.76 16.38
C ALA A 132 -14.96 -30.94 17.37
N ILE A 133 -15.36 -29.74 16.95
CA ILE A 133 -16.22 -28.91 17.79
C ILE A 133 -17.60 -29.56 17.93
N THR A 134 -18.15 -30.03 16.81
CA THR A 134 -19.41 -30.76 16.80
C THR A 134 -19.27 -31.92 15.82
N PRO A 135 -20.26 -32.81 15.71
CA PRO A 135 -20.18 -33.85 14.69
C PRO A 135 -20.05 -33.32 13.28
N GLU A 136 -20.44 -32.06 13.04
CA GLU A 136 -20.38 -31.48 11.70
C GLU A 136 -19.25 -30.48 11.51
N ILE A 137 -18.74 -29.86 12.58
CA ILE A 137 -17.80 -28.76 12.48
C ILE A 137 -16.49 -29.17 13.11
N ALA A 138 -15.39 -28.97 12.38
CA ALA A 138 -14.05 -29.23 12.87
C ALA A 138 -13.13 -28.05 12.56
N THR A 139 -12.29 -27.70 13.51
CA THR A 139 -11.28 -26.67 13.34
C THR A 139 -9.90 -27.32 13.28
N ARG A 140 -8.99 -26.70 12.54
CA ARG A 140 -7.65 -27.25 12.35
C ARG A 140 -6.61 -26.16 12.40
N LEU A 141 -5.44 -26.52 12.95
CA LEU A 141 -4.24 -25.70 12.95
C LEU A 141 -3.13 -26.52 12.31
N GLU A 142 -2.52 -25.99 11.26
CA GLU A 142 -1.52 -26.76 10.54
C GLU A 142 -0.44 -25.84 9.98
N TYR A 143 0.71 -26.45 9.69
CA TYR A 143 1.80 -25.81 8.96
C TYR A 143 2.01 -26.56 7.66
N GLN A 144 1.97 -25.82 6.55
CA GLN A 144 2.04 -26.41 5.21
C GLN A 144 3.28 -25.90 4.50
N TRP A 145 4.12 -26.81 4.03
CA TRP A 145 5.34 -26.50 3.31
C TRP A 145 5.17 -26.89 1.84
N THR A 146 5.36 -25.92 0.94
CA THR A 146 5.32 -26.15 -0.50
C THR A 146 6.69 -25.78 -1.05
N ASN A 147 7.32 -26.74 -1.73
CA ASN A 147 8.73 -26.67 -2.07
C ASN A 147 8.92 -26.21 -3.52
N ASN A 148 9.81 -25.25 -3.72
CA ASN A 148 10.31 -24.87 -5.04
C ASN A 148 9.16 -24.48 -5.99
N ILE A 149 8.60 -23.30 -5.71
CA ILE A 149 7.47 -22.78 -6.48
C ILE A 149 8.04 -21.78 -7.47
N GLY A 150 8.46 -22.26 -8.64
CA GLY A 150 8.91 -21.39 -9.69
C GLY A 150 10.04 -22.03 -10.49
N ASP A 151 10.82 -21.17 -11.13
CA ASP A 151 11.95 -21.60 -11.95
C ASP A 151 12.83 -20.40 -12.26
N ALA A 152 14.13 -20.51 -11.95
CA ALA A 152 15.04 -19.37 -12.13
C ALA A 152 15.08 -18.91 -13.58
N HIS A 153 14.92 -19.83 -14.54
CA HIS A 153 15.09 -19.49 -15.94
C HIS A 153 13.83 -18.95 -16.61
N THR A 154 12.66 -19.14 -16.01
CA THR A 154 11.41 -18.67 -16.60
C THR A 154 10.87 -17.40 -15.93
N ILE A 155 10.95 -17.30 -14.61
CA ILE A 155 10.46 -16.13 -13.90
C ILE A 155 11.52 -15.49 -13.01
N GLY A 156 12.72 -16.07 -12.92
CA GLY A 156 13.80 -15.48 -12.18
C GLY A 156 13.87 -15.84 -10.71
N THR A 157 12.93 -16.64 -10.21
CA THR A 157 12.92 -17.01 -8.81
C THR A 157 12.19 -18.33 -8.64
N ARG A 158 12.48 -19.01 -7.53
CA ARG A 158 11.87 -20.30 -7.21
C ARG A 158 11.80 -20.43 -5.70
N PRO A 159 10.98 -19.61 -5.04
CA PRO A 159 10.93 -19.64 -3.57
C PRO A 159 10.13 -20.82 -3.04
N ASP A 160 10.40 -21.14 -1.78
CA ASP A 160 9.56 -22.05 -1.02
C ASP A 160 8.51 -21.26 -0.27
N ASN A 161 7.49 -21.96 0.20
CA ASN A 161 6.41 -21.32 0.97
C ASN A 161 6.07 -22.16 2.19
N GLY A 162 6.06 -21.51 3.35
CA GLY A 162 5.54 -22.09 4.56
C GLY A 162 4.34 -21.31 5.04
N MET A 163 3.23 -22.00 5.31
CA MET A 163 1.98 -21.34 5.69
C MET A 163 1.45 -21.95 6.99
N LEU A 164 1.33 -21.11 8.02
CA LEU A 164 0.69 -21.47 9.27
C LEU A 164 -0.74 -20.95 9.22
N SER A 165 -1.73 -21.85 9.22
CA SER A 165 -3.10 -21.48 8.92
C SER A 165 -4.08 -22.06 9.94
N LEU A 166 -5.18 -21.35 10.11
CA LEU A 166 -6.34 -21.82 10.87
C LEU A 166 -7.46 -22.12 9.89
N GLY A 167 -8.14 -23.23 10.10
CA GLY A 167 -9.15 -23.68 9.16
C GLY A 167 -10.40 -24.18 9.86
N VAL A 168 -11.49 -24.20 9.09
CA VAL A 168 -12.77 -24.73 9.52
C VAL A 168 -13.35 -25.57 8.39
N SER A 169 -13.92 -26.72 8.74
CA SER A 169 -14.52 -27.62 7.77
C SER A 169 -15.88 -28.06 8.26
N TYR A 170 -16.77 -28.37 7.32
CA TYR A 170 -18.09 -28.89 7.61
C TYR A 170 -18.18 -30.32 7.07
N ARG A 171 -18.69 -31.23 7.88
CA ARG A 171 -18.78 -32.64 7.53
C ARG A 171 -20.23 -33.00 7.22
N PHE A 172 -20.45 -33.69 6.10
CA PHE A 172 -21.78 -34.00 5.60
C PHE A 172 -22.23 -35.42 5.94
N ALA A 173 -21.47 -36.14 6.77
CA ALA A 173 -21.78 -37.53 7.08
C ALA A 173 -23.27 -37.75 7.36
N SER B 2 -30.25 -19.63 21.69
CA SER B 2 -30.64 -18.94 22.96
C SER B 2 -29.50 -18.08 23.47
N ALA B 3 -29.82 -17.10 24.30
CA ALA B 3 -28.84 -16.16 24.81
C ALA B 3 -28.03 -16.80 25.93
N PRO B 4 -26.88 -16.21 26.28
CA PRO B 4 -26.13 -16.70 27.43
C PRO B 4 -27.01 -16.78 28.67
N LYS B 5 -26.66 -17.71 29.56
CA LYS B 5 -27.47 -17.92 30.76
C LYS B 5 -27.47 -16.67 31.64
N ASP B 6 -28.48 -16.59 32.50
CA ASP B 6 -28.63 -15.44 33.40
C ASP B 6 -27.39 -15.29 34.27
N ASN B 7 -26.89 -14.05 34.37
CA ASN B 7 -25.80 -13.73 35.28
C ASN B 7 -24.52 -14.46 34.87
N THR B 8 -24.31 -14.56 33.55
CA THR B 8 -23.15 -15.24 32.98
C THR B 8 -22.37 -14.27 32.11
N TRP B 9 -21.09 -14.58 31.92
CA TRP B 9 -20.17 -13.76 31.16
C TRP B 9 -19.80 -14.45 29.85
N TYR B 10 -19.35 -13.66 28.89
CA TYR B 10 -18.87 -14.19 27.62
C TYR B 10 -17.87 -13.21 27.00
N THR B 11 -17.07 -13.75 26.09
CA THR B 11 -16.02 -12.99 25.41
C THR B 11 -16.05 -13.34 23.93
N GLY B 12 -15.56 -12.43 23.10
CA GLY B 12 -15.63 -12.64 21.67
C GLY B 12 -14.75 -11.69 20.90
N ALA B 13 -14.71 -11.93 19.58
CA ALA B 13 -13.94 -11.11 18.65
C ALA B 13 -14.68 -11.09 17.32
N LYS B 14 -14.33 -10.12 16.48
CA LYS B 14 -15.04 -9.96 15.22
C LYS B 14 -14.10 -9.39 14.15
N LEU B 15 -14.45 -9.70 12.90
CA LEU B 15 -13.85 -9.10 11.72
C LEU B 15 -14.99 -8.60 10.83
N GLY B 16 -14.72 -7.56 10.05
CA GLY B 16 -15.82 -6.98 9.30
C GLY B 16 -15.39 -6.07 8.18
N TRP B 17 -16.36 -5.79 7.31
CA TRP B 17 -16.22 -4.82 6.23
C TRP B 17 -16.60 -3.45 6.78
N SER B 18 -15.60 -2.60 7.02
CA SER B 18 -15.84 -1.27 7.53
C SER B 18 -15.94 -0.30 6.36
N GLN B 19 -16.94 0.58 6.40
CA GLN B 19 -17.15 1.57 5.35
C GLN B 19 -17.48 2.90 6.00
N TYR B 20 -16.66 3.91 5.71
CA TYR B 20 -16.92 5.25 6.20
C TYR B 20 -17.87 5.98 5.25
N HIS B 21 -18.64 6.92 5.82
CA HIS B 21 -19.58 7.73 5.05
C HIS B 21 -19.42 9.20 5.44
N ASP B 22 -19.87 10.08 4.54
CA ASP B 22 -19.75 11.53 4.73
C ASP B 22 -18.31 11.89 5.08
N THR B 23 -17.40 11.55 4.16
CA THR B 23 -15.97 11.55 4.42
C THR B 23 -15.28 12.84 3.95
N GLY B 24 -16.03 13.91 3.73
CA GLY B 24 -15.43 15.16 3.30
C GLY B 24 -14.29 15.60 4.20
N PHE B 25 -13.13 15.90 3.60
CA PHE B 25 -11.93 16.19 4.37
C PHE B 25 -11.03 17.16 3.62
N ILE B 26 -10.46 16.72 2.50
CA ILE B 26 -9.60 17.54 1.67
C ILE B 26 -10.06 17.38 0.22
N ASN B 27 -9.56 18.27 -0.64
CA ASN B 27 -9.94 18.26 -2.05
C ASN B 27 -8.97 17.39 -2.85
N ASN B 28 -8.94 16.11 -2.49
CA ASN B 28 -8.07 15.15 -3.16
C ASN B 28 -8.64 14.81 -4.54
N ASN B 29 -7.76 14.74 -5.53
CA ASN B 29 -8.16 14.46 -6.90
C ASN B 29 -8.17 12.98 -7.24
N GLY B 30 -7.77 12.12 -6.31
CA GLY B 30 -7.76 10.70 -6.55
C GLY B 30 -8.86 9.98 -5.79
N PRO B 31 -8.77 8.65 -5.71
CA PRO B 31 -9.81 7.89 -5.02
C PRO B 31 -9.71 7.99 -3.51
N THR B 32 -10.86 7.93 -2.86
CA THR B 32 -10.97 7.80 -1.40
C THR B 32 -11.52 6.40 -1.13
N HIS B 33 -10.69 5.56 -0.50
CA HIS B 33 -11.04 4.16 -0.24
C HIS B 33 -11.75 4.06 1.11
N GLU B 34 -13.07 4.18 1.08
CA GLU B 34 -13.86 4.11 2.30
C GLU B 34 -14.01 2.70 2.85
N ASN B 35 -13.77 1.68 2.03
CA ASN B 35 -13.95 0.29 2.44
C ASN B 35 -12.63 -0.27 2.97
N GLN B 36 -12.65 -0.77 4.20
CA GLN B 36 -11.46 -1.28 4.87
C GLN B 36 -11.84 -2.48 5.72
N LEU B 37 -10.83 -3.21 6.18
CA LEU B 37 -11.04 -4.33 7.10
C LEU B 37 -11.13 -3.79 8.51
N GLY B 38 -12.27 -4.03 9.16
CA GLY B 38 -12.45 -3.70 10.56
C GLY B 38 -12.25 -4.90 11.44
N ALA B 39 -11.97 -4.65 12.72
CA ALA B 39 -11.73 -5.70 13.68
C ALA B 39 -12.13 -5.20 15.06
N GLY B 40 -12.52 -6.15 15.92
CA GLY B 40 -12.90 -5.77 17.27
C GLY B 40 -12.90 -6.96 18.21
N ALA B 41 -12.82 -6.65 19.50
CA ALA B 41 -12.97 -7.62 20.58
C ALA B 41 -14.03 -7.11 21.54
N PHE B 42 -14.78 -8.04 22.12
CA PHE B 42 -15.86 -7.65 23.00
C PHE B 42 -16.03 -8.66 24.12
N GLY B 43 -16.48 -8.15 25.27
CA GLY B 43 -16.89 -8.98 26.38
C GLY B 43 -18.25 -8.54 26.85
N GLY B 44 -18.96 -9.47 27.48
CA GLY B 44 -20.34 -9.20 27.83
C GLY B 44 -20.81 -9.92 29.08
N TYR B 45 -21.90 -9.40 29.63
CA TYR B 45 -22.58 -9.97 30.79
C TYR B 45 -24.07 -10.04 30.47
N GLN B 46 -24.66 -11.22 30.66
CA GLN B 46 -26.07 -11.43 30.38
C GLN B 46 -26.87 -11.30 31.67
N VAL B 47 -27.87 -10.42 31.66
CA VAL B 47 -28.72 -10.22 32.83
C VAL B 47 -29.89 -11.19 32.83
N ASN B 48 -30.62 -11.25 31.72
CA ASN B 48 -31.77 -12.14 31.57
C ASN B 48 -31.77 -12.60 30.11
N PRO B 49 -32.65 -13.52 29.69
CA PRO B 49 -32.56 -14.03 28.31
C PRO B 49 -32.79 -12.98 27.24
N TYR B 50 -33.22 -11.77 27.58
CA TYR B 50 -33.49 -10.74 26.60
C TYR B 50 -32.56 -9.53 26.68
N VAL B 51 -31.80 -9.38 27.76
CA VAL B 51 -31.01 -8.17 28.00
C VAL B 51 -29.60 -8.54 28.42
N GLY B 52 -28.60 -7.89 27.80
CA GLY B 52 -27.23 -8.04 28.19
C GLY B 52 -26.46 -6.76 27.96
N PHE B 53 -25.28 -6.70 28.55
CA PHE B 53 -24.38 -5.57 28.42
C PHE B 53 -23.06 -6.03 27.81
N GLU B 54 -22.54 -5.26 26.86
CA GLU B 54 -21.31 -5.60 26.17
C GLU B 54 -20.38 -4.40 26.10
N MET B 55 -19.09 -4.67 26.27
CA MET B 55 -18.03 -3.67 26.15
C MET B 55 -16.99 -4.24 25.19
N GLY B 56 -16.39 -3.37 24.39
CA GLY B 56 -15.46 -3.86 23.38
C GLY B 56 -14.61 -2.76 22.80
N TYR B 57 -13.51 -3.18 22.17
CA TYR B 57 -12.65 -2.31 21.39
C TYR B 57 -12.87 -2.56 19.90
N ASP B 58 -12.94 -1.48 19.13
CA ASP B 58 -13.16 -1.54 17.69
C ASP B 58 -12.03 -0.82 16.96
N TRP B 59 -11.50 -1.47 15.93
CA TRP B 59 -10.59 -0.84 14.97
C TRP B 59 -11.37 -0.68 13.66
N LEU B 60 -11.61 0.58 13.27
CA LEU B 60 -12.48 0.87 12.15
C LEU B 60 -11.74 1.02 10.83
N GLY B 61 -10.41 0.98 10.84
CA GLY B 61 -9.65 0.98 9.60
C GLY B 61 -9.13 2.36 9.23
N ARG B 62 -8.15 2.35 8.33
CA ARG B 62 -7.49 3.57 7.86
C ARG B 62 -7.95 3.86 6.44
N MET B 63 -8.52 5.05 6.24
CA MET B 63 -9.04 5.45 4.94
C MET B 63 -8.06 6.39 4.26
N PRO B 64 -7.44 6.02 3.14
CA PRO B 64 -6.56 6.96 2.44
C PRO B 64 -7.29 7.87 1.48
N TYR B 65 -6.83 9.12 1.41
CA TYR B 65 -7.30 10.12 0.45
C TYR B 65 -6.19 10.32 -0.58
N LYS B 66 -6.25 9.56 -1.67
CA LYS B 66 -5.20 9.64 -2.67
C LYS B 66 -5.39 10.84 -3.58
N GLY B 67 -4.27 11.41 -4.01
CA GLY B 67 -4.32 12.54 -4.92
C GLY B 67 -2.92 13.02 -5.23
N SER B 68 -2.80 13.72 -6.35
CA SER B 68 -1.51 14.23 -6.80
C SER B 68 -1.15 15.54 -6.10
N VAL B 69 -2.15 16.37 -5.78
CA VAL B 69 -1.92 17.62 -5.07
C VAL B 69 -2.24 17.41 -3.59
N GLU B 70 -3.51 17.52 -3.22
CA GLU B 70 -3.92 17.30 -1.84
C GLU B 70 -4.13 15.81 -1.60
N ASN B 71 -3.59 15.31 -0.49
CA ASN B 71 -3.74 13.90 -0.12
C ASN B 71 -3.63 13.76 1.38
N GLY B 72 -4.05 12.61 1.89
CA GLY B 72 -4.03 12.39 3.32
C GLY B 72 -4.63 11.04 3.67
N ALA B 73 -4.91 10.86 4.96
CA ALA B 73 -5.47 9.62 5.44
C ALA B 73 -6.24 9.87 6.73
N TYR B 74 -7.19 8.98 7.02
CA TYR B 74 -7.99 9.02 8.23
C TYR B 74 -8.07 7.62 8.83
N LYS B 75 -8.04 7.55 10.16
CA LYS B 75 -8.20 6.28 10.85
C LYS B 75 -8.88 6.54 12.18
N ALA B 76 -9.63 5.55 12.66
CA ALA B 76 -10.41 5.70 13.87
C ALA B 76 -10.51 4.37 14.61
N GLN B 77 -10.59 4.46 15.93
CA GLN B 77 -10.72 3.32 16.81
C GLN B 77 -11.35 3.82 18.11
N GLY B 78 -11.85 2.88 18.90
CA GLY B 78 -12.52 3.29 20.13
C GLY B 78 -12.93 2.12 20.99
N VAL B 79 -13.38 2.45 22.18
CA VAL B 79 -13.98 1.51 23.12
C VAL B 79 -15.46 1.87 23.24
N GLN B 80 -16.31 0.84 23.31
CA GLN B 80 -17.75 1.04 23.29
C GLN B 80 -18.40 0.28 24.44
N LEU B 81 -19.59 0.75 24.82
CA LEU B 81 -20.44 0.09 25.80
C LEU B 81 -21.86 0.13 25.29
N THR B 82 -22.52 -1.03 25.26
CA THR B 82 -23.86 -1.12 24.68
C THR B 82 -24.70 -2.12 25.46
N ALA B 83 -26.01 -1.94 25.39
CA ALA B 83 -26.96 -2.91 25.88
C ALA B 83 -27.44 -3.76 24.70
N LYS B 84 -27.38 -5.08 24.85
CA LYS B 84 -27.82 -6.00 23.82
C LYS B 84 -29.23 -6.46 24.15
N LEU B 85 -30.18 -6.17 23.27
CA LEU B 85 -31.58 -6.50 23.45
C LEU B 85 -32.00 -7.42 22.31
N GLY B 86 -32.51 -8.61 22.65
CA GLY B 86 -32.87 -9.58 21.63
C GLY B 86 -33.94 -10.54 22.11
N TYR B 87 -34.41 -11.35 21.16
CA TYR B 87 -35.40 -12.39 21.44
C TYR B 87 -35.21 -13.51 20.43
N PRO B 88 -35.75 -14.70 20.72
CA PRO B 88 -35.43 -15.86 19.88
C PRO B 88 -36.25 -15.93 18.61
N ILE B 89 -35.57 -16.28 17.52
CA ILE B 89 -36.26 -16.75 16.32
C ILE B 89 -36.48 -18.25 16.38
N THR B 90 -35.46 -18.98 16.84
CA THR B 90 -35.53 -20.41 17.08
C THR B 90 -34.85 -20.69 18.41
N ASP B 91 -34.74 -21.97 18.77
CA ASP B 91 -34.13 -22.33 20.04
C ASP B 91 -32.65 -21.95 20.10
N ASP B 92 -32.00 -21.81 18.95
CA ASP B 92 -30.59 -21.46 18.90
C ASP B 92 -30.29 -20.15 18.17
N LEU B 93 -31.22 -19.64 17.37
CA LEU B 93 -31.02 -18.40 16.62
C LEU B 93 -31.75 -17.27 17.31
N ASP B 94 -31.02 -16.21 17.64
CA ASP B 94 -31.58 -15.00 18.23
C ASP B 94 -31.37 -13.82 17.28
N ILE B 95 -32.32 -12.89 17.32
CA ILE B 95 -32.20 -11.59 16.65
C ILE B 95 -32.04 -10.54 17.73
N TYR B 96 -31.20 -9.54 17.48
CA TYR B 96 -30.87 -8.59 18.53
C TYR B 96 -30.52 -7.23 17.94
N THR B 97 -30.55 -6.23 18.82
CA THR B 97 -29.99 -4.91 18.56
C THR B 97 -29.08 -4.55 19.72
N ARG B 98 -28.11 -3.67 19.45
CA ARG B 98 -27.26 -3.11 20.48
C ARG B 98 -27.33 -1.59 20.41
N LEU B 99 -27.44 -0.96 21.59
CA LEU B 99 -27.56 0.49 21.68
C LEU B 99 -26.63 1.00 22.77
N GLY B 100 -25.86 2.03 22.45
CA GLY B 100 -24.96 2.62 23.42
C GLY B 100 -24.06 3.70 22.85
N GLY B 101 -22.82 3.74 23.30
CA GLY B 101 -21.91 4.80 22.92
C GLY B 101 -20.49 4.28 22.79
N MET B 102 -19.69 5.02 22.02
CA MET B 102 -18.29 4.71 21.80
C MET B 102 -17.44 5.94 22.09
N VAL B 103 -16.40 5.76 22.89
CA VAL B 103 -15.38 6.78 23.08
C VAL B 103 -14.27 6.48 22.09
N TRP B 104 -14.01 7.42 21.18
CA TRP B 104 -13.16 7.15 20.03
C TRP B 104 -11.93 8.04 19.99
N ARG B 105 -10.90 7.53 19.34
CA ARG B 105 -9.71 8.28 18.96
C ARG B 105 -9.62 8.27 17.45
N ALA B 106 -9.58 9.47 16.86
CA ALA B 106 -9.51 9.64 15.41
C ALA B 106 -8.27 10.44 15.05
N ASP B 107 -7.54 9.98 14.04
CA ASP B 107 -6.35 10.64 13.56
C ASP B 107 -6.50 10.94 12.07
N THR B 108 -6.00 12.11 11.65
CA THR B 108 -5.87 12.43 10.24
C THR B 108 -4.44 12.84 9.94
N LYS B 109 -4.01 12.49 8.74
CA LYS B 109 -2.73 12.91 8.18
C LYS B 109 -3.00 13.50 6.80
N SER B 110 -2.37 14.64 6.52
CA SER B 110 -2.47 15.24 5.20
C SER B 110 -1.33 16.22 5.03
N ASN B 111 -0.92 16.43 3.78
CA ASN B 111 0.01 17.51 3.50
C ASN B 111 -0.63 18.86 3.79
N VAL B 112 -1.95 18.97 3.56
CA VAL B 112 -2.64 20.25 3.72
C VAL B 112 -2.56 20.72 5.17
N TYR B 113 -2.93 19.86 6.12
CA TYR B 113 -3.06 20.25 7.51
C TYR B 113 -2.08 19.58 8.46
N GLY B 114 -1.24 18.67 7.98
CA GLY B 114 -0.32 17.97 8.87
C GLY B 114 -1.02 16.85 9.61
N LYS B 115 -0.52 16.55 10.81
CA LYS B 115 -1.06 15.50 11.65
C LYS B 115 -1.97 16.11 12.72
N ASN B 116 -3.18 15.56 12.84
CA ASN B 116 -4.15 16.01 13.82
C ASN B 116 -4.90 14.81 14.37
N HIS B 117 -5.37 14.93 15.61
CA HIS B 117 -6.16 13.88 16.23
C HIS B 117 -7.12 14.51 17.22
N ASP B 118 -8.13 13.73 17.60
CA ASP B 118 -9.10 14.17 18.58
C ASP B 118 -9.74 12.94 19.22
N THR B 119 -10.39 13.17 20.36
CA THR B 119 -11.16 12.16 21.05
C THR B 119 -12.58 12.68 21.29
N GLY B 120 -13.53 11.78 21.37
CA GLY B 120 -14.91 12.19 21.54
C GLY B 120 -15.82 10.99 21.74
N VAL B 121 -17.12 11.26 21.69
CA VAL B 121 -18.14 10.25 21.92
C VAL B 121 -19.09 10.21 20.73
N SER B 122 -19.45 8.99 20.32
CA SER B 122 -20.41 8.74 19.26
C SER B 122 -21.40 7.69 19.72
N PRO B 123 -22.67 7.80 19.30
CA PRO B 123 -23.63 6.74 19.60
C PRO B 123 -23.43 5.54 18.69
N VAL B 124 -23.74 4.36 19.22
CA VAL B 124 -23.61 3.10 18.50
C VAL B 124 -24.98 2.47 18.38
N PHE B 125 -25.36 2.14 17.14
CA PHE B 125 -26.58 1.40 16.85
C PHE B 125 -26.19 0.17 16.03
N ALA B 126 -26.60 -1.01 16.50
CA ALA B 126 -26.26 -2.25 15.81
C ALA B 126 -27.45 -3.20 15.84
N GLY B 127 -27.55 -4.02 14.80
CA GLY B 127 -28.53 -5.07 14.74
C GLY B 127 -27.95 -6.28 14.04
N GLY B 128 -28.39 -7.45 14.48
CA GLY B 128 -27.86 -8.68 13.91
C GLY B 128 -28.58 -9.90 14.42
N VAL B 129 -27.98 -11.06 14.12
CA VAL B 129 -28.46 -12.35 14.61
C VAL B 129 -27.28 -13.11 15.20
N GLU B 130 -27.57 -13.96 16.17
CA GLU B 130 -26.55 -14.75 16.87
C GLU B 130 -27.03 -16.19 16.95
N TYR B 131 -26.17 -17.13 16.55
CA TYR B 131 -26.49 -18.54 16.52
C TYR B 131 -25.61 -19.29 17.51
N ALA B 132 -26.25 -20.09 18.36
CA ALA B 132 -25.55 -20.91 19.35
C ALA B 132 -25.09 -22.20 18.69
N ILE B 133 -23.81 -22.25 18.32
CA ILE B 133 -23.24 -23.49 17.76
C ILE B 133 -23.23 -24.58 18.81
N THR B 134 -22.76 -24.25 20.01
CA THR B 134 -22.76 -25.14 21.17
C THR B 134 -23.15 -24.32 22.39
N PRO B 135 -23.33 -24.95 23.56
CA PRO B 135 -23.58 -24.16 24.77
C PRO B 135 -22.49 -23.14 25.08
N GLU B 136 -21.28 -23.32 24.54
CA GLU B 136 -20.17 -22.43 24.82
C GLU B 136 -19.84 -21.50 23.66
N ILE B 137 -20.18 -21.85 22.43
CA ILE B 137 -19.74 -21.13 21.24
C ILE B 137 -20.95 -20.58 20.52
N ALA B 138 -20.91 -19.28 20.21
CA ALA B 138 -21.96 -18.62 19.44
C ALA B 138 -21.33 -17.75 18.37
N THR B 139 -21.93 -17.77 17.17
CA THR B 139 -21.52 -16.92 16.06
C THR B 139 -22.57 -15.85 15.83
N ARG B 140 -22.13 -14.69 15.36
CA ARG B 140 -23.03 -13.57 15.14
C ARG B 140 -22.70 -12.85 13.85
N LEU B 141 -23.75 -12.36 13.19
CA LEU B 141 -23.64 -11.48 12.02
C LEU B 141 -24.43 -10.22 12.35
N GLU B 142 -23.77 -9.06 12.26
CA GLU B 142 -24.41 -7.81 12.67
C GLU B 142 -23.93 -6.66 11.79
N TYR B 143 -24.74 -5.60 11.78
CA TYR B 143 -24.38 -4.33 11.16
C TYR B 143 -24.34 -3.28 12.26
N GLN B 144 -23.21 -2.58 12.37
CA GLN B 144 -22.98 -1.62 13.44
C GLN B 144 -22.77 -0.24 12.84
N TRP B 145 -23.58 0.73 13.30
CA TRP B 145 -23.49 2.11 12.85
C TRP B 145 -22.94 2.97 13.98
N THR B 146 -21.85 3.68 13.70
CA THR B 146 -21.25 4.62 14.63
C THR B 146 -21.29 6.01 13.99
N ASN B 147 -21.90 6.97 14.67
CA ASN B 147 -22.27 8.24 14.09
C ASN B 147 -21.26 9.33 14.45
N ASN B 148 -20.82 10.09 13.43
CA ASN B 148 -20.05 11.32 13.63
C ASN B 148 -18.78 11.08 14.45
N ILE B 149 -17.82 10.42 13.79
CA ILE B 149 -16.55 10.05 14.41
C ILE B 149 -15.54 11.11 13.99
N GLY B 150 -15.49 12.21 14.73
CA GLY B 150 -14.50 13.24 14.48
C GLY B 150 -15.07 14.61 14.77
N ASP B 151 -14.45 15.60 14.14
CA ASP B 151 -14.85 17.00 14.30
C ASP B 151 -14.17 17.84 13.23
N ALA B 152 -14.98 18.60 12.47
CA ALA B 152 -14.44 19.38 11.37
C ALA B 152 -13.37 20.37 11.84
N HIS B 153 -13.49 20.87 13.06
CA HIS B 153 -12.61 21.93 13.54
C HIS B 153 -11.32 21.42 14.14
N THR B 154 -11.25 20.16 14.53
CA THR B 154 -10.05 19.59 15.16
C THR B 154 -9.24 18.71 14.20
N ILE B 155 -9.91 17.91 13.37
CA ILE B 155 -9.22 17.03 12.42
C ILE B 155 -9.69 17.25 10.98
N GLY B 156 -10.67 18.11 10.75
CA GLY B 156 -11.11 18.45 9.41
C GLY B 156 -12.19 17.56 8.82
N THR B 157 -12.62 16.53 9.54
CA THR B 157 -13.65 15.63 9.01
C THR B 157 -14.34 14.95 10.18
N ARG B 158 -15.56 14.46 9.92
CA ARG B 158 -16.36 13.78 10.93
C ARG B 158 -17.23 12.73 10.25
N PRO B 159 -16.62 11.67 9.73
CA PRO B 159 -17.37 10.66 9.00
C PRO B 159 -18.16 9.73 9.91
N ASP B 160 -19.15 9.09 9.32
CA ASP B 160 -19.85 7.98 9.94
C ASP B 160 -19.19 6.67 9.54
N ASN B 161 -19.51 5.62 10.28
CA ASN B 161 -18.98 4.30 9.97
C ASN B 161 -20.07 3.24 10.06
N GLY B 162 -20.17 2.43 9.01
CA GLY B 162 -20.99 1.24 9.03
C GLY B 162 -20.10 0.03 8.85
N MET B 163 -20.24 -0.97 9.74
CA MET B 163 -19.39 -2.15 9.71
C MET B 163 -20.28 -3.39 9.70
N LEU B 164 -20.13 -4.20 8.64
CA LEU B 164 -20.77 -5.51 8.55
C LEU B 164 -19.73 -6.54 8.97
N SER B 165 -19.99 -7.22 10.08
CA SER B 165 -18.96 -8.04 10.71
C SER B 165 -19.49 -9.42 11.07
N LEU B 166 -18.56 -10.38 11.06
CA LEU B 166 -18.79 -11.72 11.59
C LEU B 166 -18.02 -11.87 12.89
N GLY B 167 -18.66 -12.46 13.89
CA GLY B 167 -18.07 -12.57 15.20
C GLY B 167 -18.32 -13.95 15.79
N VAL B 168 -17.48 -14.29 16.75
CA VAL B 168 -17.61 -15.54 17.51
C VAL B 168 -17.37 -15.21 18.96
N SER B 169 -18.14 -15.83 19.85
CA SER B 169 -18.01 -15.58 21.28
C SER B 169 -17.97 -16.90 22.04
N TYR B 170 -17.31 -16.87 23.19
CA TYR B 170 -17.24 -18.01 24.10
C TYR B 170 -17.96 -17.65 25.40
N ARG B 171 -18.80 -18.57 25.87
CA ARG B 171 -19.62 -18.37 27.05
C ARG B 171 -19.06 -19.21 28.19
N PHE B 172 -18.91 -18.58 29.36
CA PHE B 172 -18.27 -19.20 30.51
C PHE B 172 -19.26 -19.74 31.54
N ALA B 173 -20.54 -19.82 31.20
CA ALA B 173 -21.57 -20.27 32.14
C ALA B 173 -21.11 -21.49 32.92
N VAL C 5 23.79 -16.16 -26.31
CA VAL C 5 23.65 -14.71 -26.46
C VAL C 5 24.89 -14.11 -27.11
N GLN C 6 24.69 -13.43 -28.23
CA GLN C 6 25.74 -12.78 -28.99
C GLN C 6 25.52 -11.28 -29.00
N LEU C 7 26.59 -10.51 -28.77
CA LEU C 7 26.53 -9.06 -28.73
C LEU C 7 27.60 -8.49 -29.65
N VAL C 8 27.20 -7.53 -30.49
CA VAL C 8 28.10 -6.84 -31.41
C VAL C 8 27.90 -5.34 -31.24
N GLU C 9 28.97 -4.62 -30.91
CA GLU C 9 28.93 -3.17 -30.74
C GLU C 9 29.41 -2.48 -32.00
N SER C 10 28.94 -1.26 -32.22
CA SER C 10 29.28 -0.50 -33.42
C SER C 10 29.02 0.98 -33.18
N GLY C 11 29.56 1.81 -34.07
CA GLY C 11 29.33 3.24 -34.04
C GLY C 11 30.50 4.07 -33.54
N GLY C 12 31.52 3.44 -32.97
CA GLY C 12 32.65 4.18 -32.43
C GLY C 12 33.50 4.82 -33.51
N GLY C 13 34.23 5.86 -33.14
CA GLY C 13 35.13 6.50 -34.08
C GLY C 13 35.67 7.81 -33.52
N LEU C 14 36.24 8.62 -34.42
CA LEU C 14 36.86 9.88 -34.03
C LEU C 14 35.81 10.98 -33.93
N VAL C 15 35.86 11.76 -32.85
CA VAL C 15 34.92 12.86 -32.64
C VAL C 15 35.62 13.99 -31.93
N GLN C 16 35.20 15.23 -32.23
CA GLN C 16 35.77 16.41 -31.59
C GLN C 16 35.07 16.69 -30.26
N PRO C 17 35.76 17.36 -29.33
CA PRO C 17 35.09 17.73 -28.08
C PRO C 17 33.82 18.53 -28.35
N GLY C 18 32.79 18.26 -27.56
CA GLY C 18 31.49 18.84 -27.78
C GLY C 18 30.67 18.15 -28.85
N GLY C 19 31.26 17.23 -29.62
CA GLY C 19 30.54 16.54 -30.66
C GLY C 19 29.55 15.53 -30.11
N SER C 20 28.92 14.81 -31.04
CA SER C 20 27.91 13.82 -30.72
C SER C 20 28.21 12.53 -31.48
N LEU C 21 27.75 11.41 -30.93
CA LEU C 21 28.02 10.11 -31.53
C LEU C 21 27.00 9.14 -30.97
N ARG C 22 26.52 8.20 -31.78
CA ARG C 22 25.60 7.17 -31.33
C ARG C 22 26.21 5.79 -31.52
N LEU C 23 26.25 5.02 -30.44
CA LEU C 23 26.71 3.64 -30.46
C LEU C 23 25.51 2.71 -30.52
N SER C 24 25.74 1.51 -31.05
CA SER C 24 24.68 0.51 -31.17
C SER C 24 25.20 -0.85 -30.70
N CYS C 25 24.29 -1.62 -30.10
CA CYS C 25 24.56 -2.97 -29.64
C CYS C 25 23.44 -3.88 -30.14
N VAL C 26 23.79 -4.83 -30.99
CA VAL C 26 22.80 -5.73 -31.59
C VAL C 26 22.91 -7.08 -30.89
N VAL C 27 21.79 -7.56 -30.35
CA VAL C 27 21.74 -8.80 -29.58
C VAL C 27 21.16 -9.91 -30.45
N SER C 28 21.85 -11.04 -30.50
CA SER C 28 21.37 -12.21 -31.24
C SER C 28 21.69 -13.46 -30.42
N GLY C 29 21.13 -14.59 -30.86
CA GLY C 29 21.37 -15.87 -30.22
C GLY C 29 20.05 -16.55 -29.87
N THR C 30 20.13 -17.47 -28.91
CA THR C 30 18.99 -18.29 -28.52
C THR C 30 18.90 -18.34 -27.00
N GLY C 31 17.74 -18.81 -26.53
CA GLY C 31 17.53 -18.99 -25.10
C GLY C 31 17.27 -17.71 -24.34
N PHE C 32 16.86 -16.64 -25.02
CA PHE C 32 16.62 -15.37 -24.34
C PHE C 32 15.53 -14.61 -25.09
N THR C 33 14.78 -13.81 -24.34
CA THR C 33 13.75 -12.94 -24.89
C THR C 33 14.22 -11.49 -24.72
N PHE C 34 14.56 -10.85 -25.83
CA PHE C 34 15.17 -9.52 -25.77
C PHE C 34 14.25 -8.53 -25.07
N SER C 35 12.93 -8.61 -25.33
CA SER C 35 12.03 -7.63 -24.76
C SER C 35 12.03 -7.67 -23.23
N LYS C 36 12.36 -8.83 -22.66
CA LYS C 36 12.47 -9.00 -21.21
C LYS C 36 13.91 -8.85 -20.71
N SER C 37 14.85 -8.54 -21.60
CA SER C 37 16.27 -8.59 -21.26
C SER C 37 16.74 -7.20 -20.82
N PRO C 38 17.15 -7.02 -19.56
CA PRO C 38 17.82 -5.77 -19.20
C PRO C 38 19.22 -5.70 -19.81
N MET C 39 19.57 -4.51 -20.31
CA MET C 39 20.84 -4.30 -21.01
C MET C 39 21.59 -3.15 -20.35
N SER C 40 22.91 -3.12 -20.59
CA SER C 40 23.76 -2.11 -20.00
C SER C 40 24.85 -1.70 -20.98
N TRP C 41 25.45 -0.53 -20.70
CA TRP C 41 26.62 -0.05 -21.40
C TRP C 41 27.71 0.26 -20.38
N ALA C 42 28.91 -0.24 -20.63
CA ALA C 42 30.09 0.06 -19.84
C ALA C 42 31.22 0.52 -20.75
N ARG C 43 32.29 1.03 -20.16
CA ARG C 43 33.42 1.52 -20.94
C ARG C 43 34.69 1.34 -20.14
N GLN C 44 35.80 1.15 -20.86
CA GLN C 44 37.13 1.06 -20.26
C GLN C 44 38.04 2.08 -20.92
N ALA C 45 38.34 3.15 -20.20
CA ALA C 45 39.24 4.19 -20.71
C ALA C 45 40.69 3.71 -20.64
N PRO C 46 41.56 4.32 -21.43
CA PRO C 46 42.99 3.98 -21.34
C PRO C 46 43.52 4.12 -19.92
N GLY C 47 44.17 3.06 -19.44
CA GLY C 47 44.79 3.09 -18.13
C GLY C 47 43.83 3.17 -16.97
N LYS C 48 42.57 2.76 -17.17
CA LYS C 48 41.58 2.75 -16.11
C LYS C 48 40.80 1.44 -16.16
N GLU C 49 40.18 1.10 -15.03
CA GLU C 49 39.34 -0.08 -14.97
C GLU C 49 37.97 0.20 -15.59
N ARG C 50 37.31 -0.88 -15.99
CA ARG C 50 36.01 -0.75 -16.66
C ARG C 50 35.00 -0.05 -15.76
N GLU C 51 34.26 0.88 -16.35
CA GLU C 51 33.30 1.72 -15.63
C GLU C 51 31.92 1.50 -16.21
N TRP C 52 30.98 1.10 -15.37
CA TRP C 52 29.58 1.05 -15.79
C TRP C 52 29.08 2.46 -16.08
N VAL C 53 28.26 2.60 -17.11
CA VAL C 53 27.87 3.91 -17.62
C VAL C 53 26.36 4.05 -17.74
N SER C 54 25.68 3.01 -18.20
CA SER C 54 24.24 3.12 -18.40
C SER C 54 23.59 1.74 -18.38
N ALA C 55 22.28 1.74 -18.16
CA ALA C 55 21.49 0.52 -18.15
C ALA C 55 20.04 0.85 -18.53
N ILE C 56 19.39 -0.10 -19.20
CA ILE C 56 17.98 0.01 -19.58
C ILE C 56 17.29 -1.30 -19.24
N PHE C 57 16.19 -1.21 -18.52
CA PHE C 57 15.46 -2.38 -18.04
C PHE C 57 14.40 -2.82 -19.06
N ALA C 58 13.69 -3.91 -18.74
CA ALA C 58 12.61 -4.39 -19.60
C ALA C 58 11.48 -3.38 -19.73
N ASP C 59 11.19 -2.64 -18.66
CA ASP C 59 10.14 -1.61 -18.69
C ASP C 59 10.61 -0.31 -19.32
N SER C 60 11.81 -0.31 -19.93
CA SER C 60 12.39 0.84 -20.61
C SER C 60 12.86 1.92 -19.65
N SER C 61 12.81 1.68 -18.34
CA SER C 61 13.44 2.60 -17.39
C SER C 61 14.94 2.61 -17.62
N THR C 62 15.55 3.79 -17.43
CA THR C 62 16.94 3.99 -17.77
C THR C 62 17.71 4.53 -16.57
N TYR C 63 19.01 4.24 -16.54
CA TYR C 63 19.88 4.56 -15.42
C TYR C 63 21.24 4.93 -15.96
N TYR C 64 21.90 5.87 -15.28
CA TYR C 64 23.16 6.43 -15.77
C TYR C 64 24.12 6.65 -14.60
N SER C 65 25.40 6.49 -14.89
CA SER C 65 26.43 6.95 -13.97
C SER C 65 26.45 8.47 -13.94
N ASP C 66 26.90 9.04 -12.82
CA ASP C 66 26.97 10.48 -12.70
C ASP C 66 27.88 11.09 -13.76
N SER C 67 28.92 10.36 -14.17
CA SER C 67 29.89 10.89 -15.13
C SER C 67 29.29 11.15 -16.50
N VAL C 68 28.14 10.54 -16.83
CA VAL C 68 27.51 10.72 -18.13
C VAL C 68 26.11 11.27 -18.04
N ARG C 69 25.54 11.42 -16.84
CA ARG C 69 24.17 11.87 -16.70
C ARG C 69 23.98 13.22 -17.38
N GLY C 70 22.90 13.34 -18.15
CA GLY C 70 22.60 14.58 -18.83
C GLY C 70 23.31 14.76 -20.16
N ARG C 71 24.20 13.85 -20.51
CA ARG C 71 24.94 13.91 -21.76
C ARG C 71 24.72 12.68 -22.64
N PHE C 72 24.64 11.50 -22.03
CA PHE C 72 24.40 10.25 -22.75
C PHE C 72 22.96 9.83 -22.59
N THR C 73 22.42 9.18 -23.63
CA THR C 73 21.05 8.68 -23.63
C THR C 73 21.05 7.25 -24.13
N ILE C 74 20.58 6.33 -23.28
CA ILE C 74 20.40 4.93 -23.65
C ILE C 74 18.98 4.74 -24.17
N SER C 75 18.83 3.89 -25.18
CA SER C 75 17.52 3.59 -25.74
C SER C 75 17.56 2.21 -26.36
N ARG C 76 16.38 1.62 -26.55
CA ARG C 76 16.27 0.29 -27.11
C ARG C 76 15.20 0.24 -28.19
N ASP C 77 15.41 -0.64 -29.17
CA ASP C 77 14.47 -0.90 -30.25
C ASP C 77 14.24 -2.40 -30.29
N ASN C 78 13.19 -2.86 -29.60
CA ASN C 78 12.96 -4.30 -29.45
C ASN C 78 12.67 -4.98 -30.77
N ALA C 79 12.24 -4.23 -31.79
CA ALA C 79 11.99 -4.85 -33.09
C ALA C 79 13.29 -5.27 -33.78
N LYS C 80 14.42 -4.63 -33.44
CA LYS C 80 15.69 -4.95 -34.06
C LYS C 80 16.71 -5.52 -33.07
N ASN C 81 16.27 -5.87 -31.86
CA ASN C 81 17.18 -6.42 -30.84
C ASN C 81 18.42 -5.54 -30.70
N THR C 82 18.20 -4.23 -30.64
CA THR C 82 19.27 -3.26 -30.65
C THR C 82 19.14 -2.31 -29.46
N VAL C 83 20.28 -2.01 -28.84
CA VAL C 83 20.39 -1.00 -27.81
C VAL C 83 21.32 0.10 -28.33
N TYR C 84 20.98 1.35 -28.03
CA TYR C 84 21.74 2.50 -28.51
C TYR C 84 22.25 3.30 -27.33
N LEU C 85 23.39 3.96 -27.53
CA LEU C 85 23.93 4.91 -26.56
C LEU C 85 24.24 6.18 -27.33
N GLN C 86 23.37 7.18 -27.22
CA GLN C 86 23.60 8.47 -27.87
C GLN C 86 24.49 9.31 -26.95
N MET C 87 25.62 9.76 -27.47
CA MET C 87 26.61 10.49 -26.69
C MET C 87 26.68 11.93 -27.19
N ASN C 88 26.41 12.87 -26.30
CA ASN C 88 26.45 14.29 -26.63
C ASN C 88 27.49 15.00 -25.77
N ASN C 89 28.00 16.12 -26.30
CA ASN C 89 28.95 16.97 -25.59
C ASN C 89 30.10 16.13 -25.02
N VAL C 90 30.75 15.37 -25.90
CA VAL C 90 31.75 14.41 -25.46
C VAL C 90 33.00 15.13 -24.95
N LYS C 91 33.56 14.62 -23.87
CA LYS C 91 34.76 15.11 -23.22
C LYS C 91 35.93 14.18 -23.50
N PRO C 92 37.17 14.64 -23.27
CA PRO C 92 38.31 13.71 -23.36
C PRO C 92 38.18 12.50 -22.45
N GLU C 93 37.45 12.62 -21.33
CA GLU C 93 37.22 11.47 -20.47
C GLU C 93 36.33 10.42 -21.12
N ASP C 94 35.58 10.77 -22.15
CA ASP C 94 34.74 9.79 -22.82
C ASP C 94 35.51 8.89 -23.77
N THR C 95 36.78 9.19 -24.05
CA THR C 95 37.63 8.30 -24.84
C THR C 95 37.75 6.94 -24.16
N ALA C 96 37.21 5.90 -24.78
CA ALA C 96 37.22 4.57 -24.19
C ALA C 96 36.69 3.57 -25.21
N VAL C 97 36.88 2.29 -24.90
CA VAL C 97 36.19 1.21 -25.59
C VAL C 97 34.89 0.93 -24.84
N TYR C 98 33.78 0.97 -25.58
CA TYR C 98 32.45 0.81 -24.98
C TYR C 98 31.94 -0.59 -25.22
N TYR C 99 31.43 -1.21 -24.16
CA TYR C 99 30.90 -2.58 -24.21
C TYR C 99 29.46 -2.58 -23.72
N CYS C 100 28.63 -3.43 -24.34
CA CYS C 100 27.25 -3.64 -23.92
C CYS C 100 27.12 -5.01 -23.27
N GLY C 101 26.26 -5.09 -22.26
CA GLY C 101 26.09 -6.32 -21.50
C GLY C 101 24.63 -6.73 -21.47
N HIS C 102 24.42 -8.04 -21.39
CA HIS C 102 23.09 -8.64 -21.33
C HIS C 102 22.96 -9.39 -20.01
N ARG C 103 21.89 -9.11 -19.28
CA ARG C 103 21.64 -9.72 -17.98
C ARG C 103 20.55 -10.79 -18.10
N ARG C 104 20.88 -11.99 -17.64
CA ARG C 104 19.98 -13.14 -17.69
C ARG C 104 19.06 -13.17 -16.48
N LEU C 105 17.90 -13.79 -16.67
CA LEU C 105 17.03 -14.12 -15.53
C LEU C 105 17.78 -15.02 -14.56
N GLY C 106 17.80 -14.63 -13.29
CA GLY C 106 18.50 -15.36 -12.26
C GLY C 106 19.83 -14.78 -11.86
N LYS C 107 20.31 -13.74 -12.56
CA LYS C 107 21.58 -13.10 -12.26
C LYS C 107 21.36 -11.61 -12.09
N THR C 108 22.11 -11.01 -11.16
CA THR C 108 22.09 -9.57 -10.96
C THR C 108 23.14 -8.84 -11.79
N THR C 109 24.00 -9.57 -12.49
CA THR C 109 25.12 -9.00 -13.23
C THR C 109 24.85 -9.05 -14.73
N TYR C 110 25.56 -8.18 -15.46
CA TYR C 110 25.48 -8.13 -16.91
C TYR C 110 26.70 -8.81 -17.52
N ASP C 111 26.48 -9.57 -18.58
CA ASP C 111 27.54 -10.28 -19.30
C ASP C 111 27.98 -9.43 -20.48
N TYR C 112 29.22 -8.93 -20.43
CA TYR C 112 29.76 -8.10 -21.51
C TYR C 112 30.49 -9.02 -22.50
N ARG C 113 29.72 -9.57 -23.44
CA ARG C 113 30.20 -10.58 -24.36
C ARG C 113 30.68 -10.02 -25.69
N GLY C 114 30.63 -8.70 -25.88
CA GLY C 114 30.94 -8.13 -27.18
C GLY C 114 32.39 -7.70 -27.32
N LYS C 115 32.81 -7.52 -28.57
CA LYS C 115 34.17 -7.08 -28.85
C LYS C 115 34.39 -5.62 -28.50
N GLY C 116 33.33 -4.82 -28.44
CA GLY C 116 33.43 -3.42 -28.10
C GLY C 116 33.60 -2.53 -29.32
N THR C 117 33.40 -1.23 -29.09
CA THR C 117 33.64 -0.21 -30.10
C THR C 117 34.32 0.97 -29.44
N ARG C 118 35.37 1.48 -30.08
CA ARG C 118 36.24 2.47 -29.46
C ARG C 118 35.83 3.88 -29.87
N VAL C 119 35.73 4.77 -28.89
CA VAL C 119 35.47 6.18 -29.11
C VAL C 119 36.73 6.94 -28.72
N THR C 120 37.13 7.88 -29.57
CA THR C 120 38.33 8.68 -29.35
C THR C 120 37.95 10.15 -29.51
N VAL C 121 37.99 10.90 -28.41
CA VAL C 121 37.67 12.32 -28.45
C VAL C 121 38.93 13.15 -28.73
N VAL D 5 -8.63 35.03 14.04
CA VAL D 5 -7.47 35.03 13.15
C VAL D 5 -7.26 36.42 12.58
N GLN D 6 -6.08 36.99 12.81
CA GLN D 6 -5.71 38.29 12.26
C GLN D 6 -4.49 38.11 11.36
N LEU D 7 -4.52 38.74 10.20
CA LEU D 7 -3.44 38.66 9.23
C LEU D 7 -3.02 40.08 8.87
N VAL D 8 -1.72 40.33 8.92
CA VAL D 8 -1.15 41.64 8.58
C VAL D 8 -0.06 41.42 7.55
N GLU D 9 -0.22 42.02 6.38
CA GLU D 9 0.76 41.92 5.30
C GLU D 9 1.68 43.13 5.35
N SER D 10 2.88 42.96 4.81
CA SER D 10 3.88 44.01 4.86
C SER D 10 4.89 43.77 3.75
N GLY D 11 5.69 44.81 3.49
CA GLY D 11 6.75 44.72 2.51
C GLY D 11 6.47 45.44 1.22
N GLY D 12 5.24 45.90 1.00
CA GLY D 12 4.93 46.55 -0.26
C GLY D 12 5.64 47.88 -0.40
N GLY D 13 5.84 48.29 -1.65
CA GLY D 13 6.47 49.57 -1.93
C GLY D 13 6.81 49.71 -3.41
N LEU D 14 7.67 50.69 -3.70
CA LEU D 14 8.09 50.96 -5.08
C LEU D 14 9.27 50.05 -5.44
N VAL D 15 9.22 49.49 -6.65
CA VAL D 15 10.28 48.62 -7.16
C VAL D 15 10.40 48.87 -8.64
N GLN D 16 11.62 48.78 -9.13
CA GLN D 16 11.92 48.96 -10.54
C GLN D 16 11.75 47.65 -11.29
N PRO D 17 11.40 47.70 -12.59
CA PRO D 17 11.27 46.45 -13.35
C PRO D 17 12.54 45.62 -13.29
N GLY D 18 12.37 44.30 -13.16
CA GLY D 18 13.48 43.40 -12.96
C GLY D 18 13.99 43.34 -11.53
N GLY D 19 13.55 44.25 -10.66
CA GLY D 19 14.00 44.26 -9.28
C GLY D 19 13.41 43.11 -8.48
N SER D 20 13.71 43.12 -7.19
CA SER D 20 13.26 42.08 -6.28
C SER D 20 12.65 42.70 -5.02
N LEU D 21 11.75 41.95 -4.40
CA LEU D 21 11.03 42.38 -3.21
C LEU D 21 10.46 41.16 -2.50
N ARG D 22 10.45 41.21 -1.18
CA ARG D 22 9.85 40.15 -0.37
C ARG D 22 8.72 40.73 0.47
N LEU D 23 7.55 40.13 0.37
CA LEU D 23 6.41 40.48 1.21
C LEU D 23 6.32 39.50 2.36
N SER D 24 5.71 39.94 3.46
CA SER D 24 5.56 39.13 4.65
C SER D 24 4.14 39.21 5.16
N CYS D 25 3.66 38.11 5.75
CA CYS D 25 2.35 38.03 6.36
C CYS D 25 2.51 37.45 7.75
N VAL D 26 2.18 38.25 8.76
CA VAL D 26 2.31 37.84 10.15
C VAL D 26 0.92 37.47 10.66
N VAL D 27 0.80 36.24 11.15
CA VAL D 27 -0.48 35.69 11.58
C VAL D 27 -0.56 35.76 13.10
N SER D 28 -1.68 36.27 13.60
CA SER D 28 -1.90 36.35 15.04
C SER D 28 -3.34 35.94 15.33
N GLY D 29 -3.63 35.74 16.61
CA GLY D 29 -4.98 35.43 17.06
C GLY D 29 -5.00 34.16 17.88
N THR D 30 -6.19 33.57 17.97
CA THR D 30 -6.42 32.39 18.79
C THR D 30 -7.26 31.38 18.02
N GLY D 31 -7.32 30.15 18.53
CA GLY D 31 -8.14 29.13 17.92
C GLY D 31 -7.56 28.52 16.67
N PHE D 32 -6.26 28.63 16.46
CA PHE D 32 -5.62 28.09 15.27
C PHE D 32 -4.18 27.71 15.61
N THR D 33 -3.68 26.69 14.91
CA THR D 33 -2.30 26.24 15.03
C THR D 33 -1.60 26.59 13.72
N PHE D 34 -0.71 27.58 13.75
CA PHE D 34 -0.09 28.05 12.52
C PHE D 34 0.65 26.92 11.80
N SER D 35 1.36 26.08 12.56
CA SER D 35 2.17 25.03 11.94
C SER D 35 1.30 24.05 11.15
N LYS D 36 0.03 23.91 11.53
CA LYS D 36 -0.91 23.04 10.81
C LYS D 36 -1.73 23.81 9.79
N SER D 37 -1.51 25.12 9.64
CA SER D 37 -2.38 25.97 8.85
C SER D 37 -1.84 26.12 7.43
N PRO D 38 -2.54 25.64 6.40
CA PRO D 38 -2.16 26.02 5.03
C PRO D 38 -2.47 27.49 4.76
N MET D 39 -1.55 28.16 4.08
CA MET D 39 -1.64 29.60 3.83
C MET D 39 -1.54 29.88 2.34
N SER D 40 -1.97 31.06 1.94
CA SER D 40 -1.99 31.44 0.53
C SER D 40 -1.61 32.90 0.37
N TRP D 41 -1.21 33.26 -0.85
CA TRP D 41 -0.99 34.64 -1.25
C TRP D 41 -1.85 34.89 -2.49
N ALA D 42 -2.62 35.97 -2.47
CA ALA D 42 -3.39 36.39 -3.62
C ALA D 42 -3.10 37.86 -3.89
N ARG D 43 -3.56 38.35 -5.05
CA ARG D 43 -3.32 39.72 -5.44
C ARG D 43 -4.46 40.22 -6.31
N GLN D 44 -4.69 41.53 -6.28
CA GLN D 44 -5.64 42.20 -7.17
C GLN D 44 -4.89 43.32 -7.87
N ALA D 45 -4.55 43.11 -9.13
CA ALA D 45 -3.89 44.13 -9.91
C ALA D 45 -4.89 45.21 -10.34
N PRO D 46 -4.42 46.41 -10.64
CA PRO D 46 -5.33 47.45 -11.16
C PRO D 46 -6.05 46.95 -12.40
N GLY D 47 -7.38 47.09 -12.38
CA GLY D 47 -8.18 46.70 -13.52
C GLY D 47 -8.23 45.21 -13.76
N LYS D 48 -7.98 44.40 -12.73
CA LYS D 48 -8.07 42.95 -12.84
C LYS D 48 -8.82 42.41 -11.64
N GLU D 49 -9.36 41.21 -11.80
CA GLU D 49 -10.02 40.54 -10.68
C GLU D 49 -8.96 39.90 -9.79
N ARG D 50 -9.34 39.63 -8.54
CA ARG D 50 -8.40 39.04 -7.61
C ARG D 50 -7.93 37.70 -8.15
N GLU D 51 -6.62 37.48 -8.11
CA GLU D 51 -5.98 36.31 -8.69
C GLU D 51 -5.22 35.56 -7.61
N TRP D 52 -5.54 34.29 -7.43
CA TRP D 52 -4.71 33.45 -6.57
C TRP D 52 -3.33 33.31 -7.19
N VAL D 53 -2.30 33.29 -6.35
CA VAL D 53 -0.93 33.38 -6.85
C VAL D 53 -0.07 32.25 -6.30
N SER D 54 -0.23 31.92 -5.03
CA SER D 54 0.61 30.90 -4.43
C SER D 54 -0.07 30.32 -3.20
N ALA D 55 0.40 29.13 -2.80
CA ALA D 55 -0.10 28.46 -1.60
C ALA D 55 1.00 27.57 -1.05
N ILE D 56 1.02 27.44 0.27
CA ILE D 56 1.96 26.58 0.97
C ILE D 56 1.19 25.77 2.00
N PHE D 57 1.37 24.45 1.98
CA PHE D 57 0.63 23.56 2.87
C PHE D 57 1.37 23.41 4.20
N ALA D 58 0.76 22.64 5.11
CA ALA D 58 1.38 22.40 6.41
C ALA D 58 2.69 21.64 6.27
N ASP D 59 2.79 20.75 5.30
CA ASP D 59 4.02 20.01 5.05
C ASP D 59 5.03 20.82 4.24
N SER D 60 4.78 22.10 4.05
CA SER D 60 5.65 23.04 3.34
C SER D 60 5.71 22.81 1.84
N SER D 61 4.88 21.92 1.30
CA SER D 61 4.74 21.84 -0.15
C SER D 61 4.15 23.15 -0.68
N THR D 62 4.60 23.55 -1.87
CA THR D 62 4.28 24.86 -2.41
C THR D 62 3.65 24.74 -3.79
N TYR D 63 2.84 25.73 -4.14
CA TYR D 63 2.06 25.74 -5.36
C TYR D 63 1.98 27.17 -5.88
N TYR D 64 1.96 27.31 -7.21
CA TYR D 64 2.02 28.62 -7.84
C TYR D 64 1.11 28.68 -9.05
N SER D 65 0.54 29.86 -9.29
CA SER D 65 -0.09 30.16 -10.56
C SER D 65 0.97 30.32 -11.65
N ASP D 66 0.57 30.07 -12.89
CA ASP D 66 1.50 30.25 -14.00
C ASP D 66 1.99 31.70 -14.10
N SER D 67 1.16 32.66 -13.68
CA SER D 67 1.54 34.07 -13.80
C SER D 67 2.74 34.43 -12.96
N VAL D 68 3.06 33.63 -11.94
CA VAL D 68 4.19 33.90 -11.06
C VAL D 68 5.19 32.74 -11.04
N ARG D 69 4.88 31.63 -11.71
CA ARG D 69 5.74 30.47 -11.66
C ARG D 69 7.14 30.82 -12.16
N GLY D 70 8.16 30.38 -11.41
CA GLY D 70 9.54 30.61 -11.77
C GLY D 70 10.10 31.96 -11.35
N ARG D 71 9.28 32.86 -10.82
CA ARG D 71 9.74 34.17 -10.36
C ARG D 71 9.43 34.42 -8.89
N PHE D 72 8.28 33.98 -8.40
CA PHE D 72 7.91 34.17 -7.00
C PHE D 72 8.18 32.90 -6.21
N THR D 73 8.54 33.08 -4.94
CA THR D 73 8.81 31.96 -4.03
C THR D 73 8.09 32.20 -2.72
N ILE D 74 7.19 31.27 -2.37
CA ILE D 74 6.49 31.30 -1.09
C ILE D 74 7.28 30.50 -0.07
N SER D 75 7.26 30.96 1.17
CA SER D 75 7.96 30.27 2.26
C SER D 75 7.27 30.62 3.58
N ARG D 76 7.51 29.77 4.59
CA ARG D 76 6.93 29.96 5.91
C ARG D 76 8.00 29.78 6.98
N ASP D 77 7.81 30.50 8.09
CA ASP D 77 8.67 30.40 9.27
C ASP D 77 7.77 30.15 10.47
N ASN D 78 7.59 28.88 10.83
CA ASN D 78 6.63 28.53 11.87
C ASN D 78 7.02 29.07 13.24
N ALA D 79 8.30 29.39 13.46
CA ALA D 79 8.71 29.98 14.72
C ALA D 79 8.23 31.42 14.85
N LYS D 80 7.96 32.08 13.72
CA LYS D 80 7.53 33.48 13.71
C LYS D 80 6.10 33.64 13.23
N ASN D 81 5.38 32.54 13.01
CA ASN D 81 4.01 32.57 12.50
C ASN D 81 3.90 33.52 11.31
N THR D 82 4.86 33.43 10.40
CA THR D 82 4.97 34.35 9.28
C THR D 82 5.11 33.58 7.97
N VAL D 83 4.41 34.06 6.95
CA VAL D 83 4.54 33.56 5.58
C VAL D 83 5.12 34.70 4.73
N TYR D 84 6.01 34.34 3.81
CA TYR D 84 6.70 35.31 2.98
C TYR D 84 6.42 35.04 1.51
N LEU D 85 6.46 36.11 0.70
CA LEU D 85 6.37 36.00 -0.76
C LEU D 85 7.53 36.80 -1.37
N GLN D 86 8.54 36.08 -1.84
CA GLN D 86 9.68 36.67 -2.52
C GLN D 86 9.34 36.90 -3.98
N MET D 87 9.48 38.15 -4.44
CA MET D 87 9.16 38.53 -5.80
C MET D 87 10.45 38.95 -6.50
N ASN D 88 10.82 38.21 -7.55
CA ASN D 88 12.01 38.49 -8.34
C ASN D 88 11.63 38.69 -9.80
N ASN D 89 12.49 39.41 -10.53
CA ASN D 89 12.28 39.69 -11.94
C ASN D 89 10.87 40.24 -12.17
N VAL D 90 10.55 41.29 -11.41
CA VAL D 90 9.19 41.80 -11.37
C VAL D 90 8.83 42.47 -12.68
N LYS D 91 7.60 42.24 -13.14
CA LYS D 91 7.05 42.89 -14.32
C LYS D 91 6.05 43.96 -13.90
N PRO D 92 5.70 44.88 -14.79
CA PRO D 92 4.60 45.82 -14.47
C PRO D 92 3.30 45.10 -14.15
N GLU D 93 3.11 43.89 -14.68
CA GLU D 93 1.90 43.12 -14.43
C GLU D 93 1.79 42.70 -12.97
N ASP D 94 2.90 42.69 -12.24
CA ASP D 94 2.90 42.32 -10.83
C ASP D 94 2.43 43.45 -9.92
N THR D 95 2.26 44.66 -10.46
CA THR D 95 1.70 45.76 -9.70
C THR D 95 0.31 45.38 -9.19
N ALA D 96 0.16 45.27 -7.87
CA ALA D 96 -1.11 44.84 -7.30
C ALA D 96 -1.07 45.03 -5.80
N VAL D 97 -2.23 44.92 -5.17
CA VAL D 97 -2.34 44.78 -3.72
C VAL D 97 -2.32 43.29 -3.41
N TYR D 98 -1.40 42.88 -2.53
CA TYR D 98 -1.20 41.48 -2.21
C TYR D 98 -1.85 41.16 -0.87
N TYR D 99 -2.57 40.05 -0.84
CA TYR D 99 -3.25 39.58 0.36
C TYR D 99 -2.77 38.18 0.70
N CYS D 100 -2.70 37.91 2.00
CA CYS D 100 -2.33 36.59 2.51
C CYS D 100 -3.59 35.93 3.08
N GLY D 101 -3.72 34.63 2.87
CA GLY D 101 -4.91 33.91 3.25
C GLY D 101 -4.62 32.71 4.12
N HIS D 102 -5.58 32.39 4.98
CA HIS D 102 -5.48 31.26 5.90
C HIS D 102 -6.64 30.30 5.63
N ARG D 103 -6.33 29.02 5.47
CA ARG D 103 -7.34 27.99 5.26
C ARG D 103 -7.59 27.29 6.59
N ARG D 104 -8.85 27.23 7.00
CA ARG D 104 -9.24 26.59 8.24
C ARG D 104 -9.47 25.10 8.03
N LEU D 105 -9.29 24.34 9.10
CA LEU D 105 -9.73 22.95 9.09
C LEU D 105 -11.23 22.90 8.83
N GLY D 106 -11.63 22.12 7.82
CA GLY D 106 -13.02 22.01 7.44
C GLY D 106 -13.40 22.84 6.23
N LYS D 107 -12.47 23.66 5.72
CA LYS D 107 -12.70 24.52 4.58
C LYS D 107 -11.65 24.24 3.52
N THR D 108 -12.06 24.26 2.25
CA THR D 108 -11.13 24.16 1.14
C THR D 108 -10.67 25.53 0.64
N THR D 109 -11.24 26.61 1.17
CA THR D 109 -10.96 27.96 0.73
C THR D 109 -10.09 28.68 1.74
N TYR D 110 -9.43 29.74 1.27
CA TYR D 110 -8.58 30.57 2.10
C TYR D 110 -9.30 31.86 2.46
N ASP D 111 -9.17 32.27 3.72
CA ASP D 111 -9.80 33.48 4.23
C ASP D 111 -8.77 34.61 4.18
N TYR D 112 -9.00 35.60 3.32
CA TYR D 112 -8.11 36.76 3.17
C TYR D 112 -8.61 37.85 4.11
N ARG D 113 -8.12 37.80 5.35
CA ARG D 113 -8.62 38.67 6.42
C ARG D 113 -7.81 39.96 6.56
N GLY D 114 -6.77 40.15 5.76
CA GLY D 114 -5.86 41.26 5.93
C GLY D 114 -6.20 42.45 5.06
N LYS D 115 -5.64 43.60 5.44
CA LYS D 115 -5.83 44.82 4.67
C LYS D 115 -5.02 44.83 3.38
N GLY D 116 -3.96 44.01 3.29
CA GLY D 116 -3.15 43.94 2.11
C GLY D 116 -1.95 44.86 2.16
N THR D 117 -1.02 44.65 1.22
CA THR D 117 0.14 45.49 1.05
C THR D 117 0.36 45.69 -0.44
N ARG D 118 0.59 46.94 -0.84
CA ARG D 118 0.58 47.32 -2.25
C ARG D 118 1.99 47.31 -2.82
N VAL D 119 2.14 46.67 -3.97
CA VAL D 119 3.39 46.67 -4.73
C VAL D 119 3.17 47.45 -6.02
N THR D 120 4.09 48.37 -6.33
CA THR D 120 4.01 49.18 -7.55
C THR D 120 5.34 49.08 -8.27
N VAL D 121 5.35 48.43 -9.42
CA VAL D 121 6.57 48.28 -10.21
C VAL D 121 6.71 49.46 -11.17
C1 OCT E . 1.66 -10.01 7.34
C2 OCT E . 0.37 -10.82 7.26
C3 OCT E . 0.22 -11.84 8.37
C4 OCT E . -1.23 -12.23 8.63
C5 OCT E . -1.38 -13.44 9.55
C6 OCT E . -2.83 -13.86 9.73
C7 OCT E . -2.98 -15.32 10.17
C8 OCT E . -4.43 -15.80 10.18
H11 OCT E . 1.71 -9.52 8.18
H12 OCT E . 1.72 -9.37 6.62
H13 OCT E . 2.43 -10.59 7.28
H21 OCT E . 0.32 -11.26 6.40
H22 OCT E . -0.40 -10.21 7.28
H31 OCT E . 0.62 -11.48 9.19
H32 OCT E . 0.74 -12.63 8.16
H41 OCT E . -1.66 -12.42 7.79
H42 OCT E . -1.70 -11.48 9.02
H51 OCT E . -0.99 -13.24 10.42
H52 OCT E . -0.87 -14.18 9.19
H61 OCT E . -3.32 -13.72 8.91
H62 OCT E . -3.25 -13.29 10.39
H71 OCT E . -2.59 -15.43 11.05
H72 OCT E . -2.45 -15.88 9.57
H81 OCT E . -4.99 -15.22 10.70
H82 OCT E . -4.51 -16.69 10.55
H83 OCT E . -4.80 -15.83 9.28
C1 OCT F . -0.56 -15.04 13.35
C2 OCT F . 0.76 -14.39 13.76
C3 OCT F . 0.99 -13.04 13.10
C4 OCT F . 2.37 -12.91 12.48
C5 OCT F . 2.65 -11.59 11.79
C6 OCT F . 3.88 -11.67 10.89
C7 OCT F . 5.00 -10.71 11.27
C8 OCT F . 6.33 -11.11 10.61
H11 OCT F . -0.56 -15.28 12.41
H12 OCT F . -1.30 -14.42 13.49
H13 OCT F . -0.73 -15.83 13.87
H21 OCT F . 1.49 -14.99 13.52
H22 OCT F . 0.79 -14.29 14.72
H31 OCT F . 0.86 -12.33 13.76
H32 OCT F . 0.31 -12.89 12.42
H41 OCT F . 2.50 -13.64 11.85
H42 OCT F . 3.04 -13.06 13.18
H51 OCT F . 2.78 -10.90 12.46
H52 OCT F . 1.88 -11.33 11.27
H61 OCT F . 3.61 -11.48 9.98
H62 OCT F . 4.22 -12.57 10.89
H71 OCT F . 5.11 -10.71 12.23
H72 OCT F . 4.77 -9.81 11.01
H81 OCT F . 7.05 -10.52 10.89
H82 OCT F . 6.28 -11.05 9.65
H83 OCT F . 6.58 -12.01 10.83
C1 OCT G . -15.09 -19.68 0.87
C2 OCT G . -14.88 -20.84 -0.09
C3 OCT G . -14.21 -20.40 -1.39
C4 OCT G . -14.95 -20.80 -2.66
C5 OCT G . -15.73 -19.66 -3.31
C6 OCT G . -15.45 -19.47 -4.79
C7 OCT G . -16.40 -20.23 -5.70
C8 OCT G . -15.91 -20.32 -7.15
H11 OCT G . -15.47 -19.99 1.71
H12 OCT G . -15.70 -19.03 0.50
H13 OCT G . -14.26 -19.22 1.06
H21 OCT G . -15.73 -21.25 -0.30
H22 OCT G . -14.34 -21.52 0.33
H31 OCT G . -13.31 -20.77 -1.42
H32 OCT G . -14.10 -19.44 -1.38
H41 OCT G . -15.55 -21.53 -2.47
H42 OCT G . -14.31 -21.15 -3.31
H51 OCT G . -15.52 -18.83 -2.84
H52 OCT G . -16.68 -19.80 -3.17
H61 OCT G . -14.54 -19.75 -4.98
H62 OCT G . -15.48 -18.53 -5.01
H71 OCT G . -17.27 -19.81 -5.69
H72 OCT G . -16.53 -21.13 -5.36
H81 OCT G . -15.06 -20.78 -7.21
H82 OCT G . -15.78 -19.44 -7.54
H83 OCT G . -16.54 -20.80 -7.71
C1 OCT H . -9.58 -27.37 -5.59
C2 OCT H . -10.73 -27.63 -4.61
C3 OCT H . -11.62 -26.40 -4.41
C4 OCT H . -11.86 -26.05 -2.95
C5 OCT H . -13.15 -26.64 -2.41
C6 OCT H . -13.08 -28.15 -2.26
C7 OCT H . -13.77 -28.92 -3.38
C8 OCT H . -13.35 -30.40 -3.42
H11 OCT H . -9.23 -26.47 -5.49
H12 OCT H . -9.88 -27.47 -6.51
H13 OCT H . -8.85 -27.99 -5.44
H21 OCT H . -10.36 -27.91 -3.76
H22 OCT H . -11.26 -28.36 -4.93
H31 OCT H . -12.47 -26.56 -4.85
H32 OCT H . -11.21 -25.64 -4.87
H41 OCT H . -11.87 -25.09 -2.85
H42 OCT H . -11.11 -26.37 -2.41
H51 OCT H . -13.89 -26.40 -3.00
H52 OCT H . -13.37 -26.24 -1.56
H61 OCT H . -13.47 -28.41 -1.41
H62 OCT H . -12.15 -28.42 -2.22
H71 OCT H . -13.58 -28.50 -4.23
H72 OCT H . -14.73 -28.86 -3.27
H81 OCT H . -13.33 -30.73 -4.32
H82 OCT H . -13.96 -30.96 -2.91
H83 OCT H . -12.47 -30.53 -3.05
C1 OCT I . 5.46 -29.28 11.52
C2 OCT I . 4.71 -29.17 10.20
C3 OCT I . 4.99 -30.33 9.26
C4 OCT I . 5.42 -29.89 7.86
C5 OCT I . 6.84 -29.34 7.82
C6 OCT I . 7.69 -29.95 6.72
C7 OCT I . 9.13 -29.43 6.70
C8 OCT I . 9.25 -27.94 6.46
H11 OCT I . 5.22 -28.55 12.12
H12 OCT I . 6.41 -29.24 11.39
H13 OCT I . 5.25 -30.12 11.98
H21 OCT I . 4.94 -28.34 9.77
H22 OCT I . 3.76 -29.12 10.38
H31 OCT I . 4.20 -30.89 9.19
H32 OCT I . 5.68 -30.89 9.63
H41 OCT I . 4.79 -29.20 7.54
H42 OCT I . 5.33 -30.63 7.24
H51 OCT I . 7.25 -29.49 8.68
H52 OCT I . 6.80 -28.37 7.71
H61 OCT I . 7.28 -29.76 5.86
H62 OCT I . 7.70 -30.91 6.81
H71 OCT I . 9.62 -29.91 6.02
H72 OCT I . 9.55 -29.66 7.54
H81 OCT I . 10.17 -27.64 6.54
H82 OCT I . 8.73 -27.43 7.11
H83 OCT I . 8.95 -27.69 5.58
C1 OCT J . -5.69 -14.43 -9.27
C2 OCT J . -6.70 -14.99 -8.29
C3 OCT J . -6.30 -14.78 -6.83
C4 OCT J . -6.83 -13.49 -6.23
C5 OCT J . -7.03 -13.57 -4.71
C6 OCT J . -8.24 -14.39 -4.31
C7 OCT J . -8.26 -14.78 -2.84
C8 OCT J . -8.79 -16.18 -2.59
H11 OCT J . -5.69 -13.46 -9.25
H12 OCT J . -5.89 -14.70 -10.19
H13 OCT J . -4.79 -14.72 -9.06
H21 OCT J . -6.81 -15.94 -8.45
H22 OCT J . -7.57 -14.59 -8.44
H31 OCT J . -5.32 -14.78 -6.77
H32 OCT J . -6.60 -15.53 -6.30
H41 OCT J . -7.68 -13.26 -6.65
H42 OCT J . -6.23 -12.75 -6.43
H51 OCT J . -7.11 -12.67 -4.36
H52 OCT J . -6.23 -13.94 -4.30
H61 OCT J . -8.28 -15.20 -4.85
H62 OCT J . -9.05 -13.90 -4.51
H71 OCT J . -8.79 -14.13 -2.34
H72 OCT J . -7.36 -14.71 -2.48
H81 OCT J . -8.81 -16.41 -1.65
H82 OCT J . -8.26 -16.86 -3.05
H83 OCT J . -9.70 -16.28 -2.92
CA CA K . 13.80 -24.69 -2.06
C1 OCT L . -3.17 -7.09 8.84
C2 OCT L . -3.66 -7.30 7.41
C3 OCT L . -4.07 -8.74 7.14
C4 OCT L . -5.33 -9.16 7.89
C5 OCT L . -5.02 -9.96 9.16
C6 OCT L . -6.25 -10.15 10.04
C7 OCT L . -6.97 -11.47 9.83
C8 OCT L . -7.70 -11.52 8.49
H11 OCT L . -3.88 -7.25 9.48
H12 OCT L . -2.87 -6.18 8.97
H13 OCT L . -2.43 -7.68 9.06
H21 OCT L . -2.96 -7.05 6.79
H22 OCT L . -4.41 -6.71 7.24
H31 OCT L . -3.34 -9.33 7.37
H32 OCT L . -4.22 -8.85 6.19
H41 OCT L . -5.89 -9.69 7.31
H42 OCT L . -5.85 -8.38 8.12
H51 OCT L . -4.33 -9.51 9.66
H52 OCT L . -4.67 -10.83 8.92
H61 OCT L . -6.87 -9.42 9.90
H62 OCT L . -5.98 -10.08 10.98
H71 OCT L . -7.59 -11.63 10.55
H72 OCT L . -6.32 -12.20 9.87
H81 OCT L . -8.32 -12.27 8.45
H82 OCT L . -7.10 -11.60 7.75
H83 OCT L . -8.23 -10.71 8.34
C1 OCT M . -9.13 -11.46 21.53
C2 OCT M . -10.60 -11.47 21.93
C3 OCT M . -10.93 -12.47 23.03
C4 OCT M . -11.03 -13.90 22.52
C5 OCT M . -12.40 -14.28 21.98
C6 OCT M . -12.46 -15.74 21.53
C7 OCT M . -13.87 -16.33 21.51
C8 OCT M . -13.86 -17.83 21.23
H11 OCT M . -8.83 -12.36 21.30
H12 OCT M . -8.57 -11.14 22.25
H13 OCT M . -8.98 -10.89 20.76
H21 OCT M . -11.15 -11.66 21.15
H22 OCT M . -10.86 -10.58 22.22
H31 OCT M . -11.76 -12.22 23.46
H32 OCT M . -10.25 -12.42 23.72
H41 OCT M . -10.79 -14.51 23.23
H42 OCT M . -10.37 -14.03 21.82
H51 OCT M . -12.63 -13.71 21.24
H52 OCT M . -13.07 -14.12 22.66
H61 OCT M . -11.90 -16.27 22.13
H62 OCT M . -12.06 -15.81 20.65
H71 OCT M . -14.39 -15.88 20.83
H72 OCT M . -14.31 -16.16 22.35
H81 OCT M . -13.27 -18.30 21.84
H82 OCT M . -13.56 -18.03 20.34
H83 OCT M . -14.75 -18.22 21.32
C1 OCT N . -14.31 -8.74 6.83
C2 OCT N . -14.77 -8.42 5.40
C3 OCT N . -13.61 -8.21 4.43
C4 OCT N . -13.76 -6.98 3.54
C5 OCT N . -13.03 -5.74 4.02
C6 OCT N . -13.49 -4.49 3.28
C7 OCT N . -12.39 -3.79 2.49
C8 OCT N . -11.97 -4.56 1.25
H11 OCT N . -15.07 -8.85 7.41
H12 OCT N . -13.77 -8.03 7.18
H13 OCT N . -13.80 -9.56 6.85
H21 OCT N . -15.33 -7.64 5.41
H22 OCT N . -15.32 -9.15 5.07
H31 OCT N . -13.50 -9.00 3.88
H32 OCT N . -12.79 -8.13 4.94
H41 OCT N . -14.70 -6.78 3.45
H42 OCT N . -13.45 -7.21 2.65
H51 OCT N . -12.07 -5.85 3.89
H52 OCT N . -13.16 -5.62 4.96
H61 OCT N . -13.87 -3.86 3.91
H62 OCT N . -14.21 -4.72 2.67
H71 OCT N . -11.61 -3.66 3.08
H72 OCT N . -12.68 -2.89 2.24
H81 OCT N . -12.52 -4.32 0.49
H82 OCT N . -12.07 -5.52 1.37
H83 OCT N . -11.05 -4.39 1.01
C1 OCT O . -16.54 -2.54 -1.78
C2 OCT O . -15.22 -3.03 -1.21
C3 OCT O . -15.40 -3.82 0.08
C4 OCT O . -15.44 -5.34 -0.13
C5 OCT O . -16.35 -6.05 0.86
C6 OCT O . -16.31 -7.57 0.70
C7 OCT O . -17.46 -8.28 1.42
C8 OCT O . -17.41 -8.12 2.93
H11 OCT O . -17.05 -2.05 -1.12
H12 OCT O . -17.09 -3.29 -2.07
H13 OCT O . -16.41 -1.97 -2.54
H21 OCT O . -14.64 -2.26 -1.03
H22 OCT O . -14.76 -3.57 -1.86
H31 OCT O . -16.22 -3.55 0.51
H32 OCT O . -14.69 -3.61 0.69
H41 OCT O . -14.54 -5.69 -0.06
H42 OCT O . -15.74 -5.52 -1.03
H51 OCT O . -17.25 -5.73 0.76
H52 OCT O . -16.08 -5.82 1.77
H61 OCT O . -15.47 -7.90 1.03
H62 OCT O . -16.35 -7.79 -0.24
H71 OCT O . -17.42 -9.23 1.20
H72 OCT O . -18.30 -7.96 1.08
H81 OCT O . -17.81 -7.27 3.22
H82 OCT O . -16.50 -8.14 3.27
H83 OCT O . -17.90 -8.83 3.39
C1 OCT P . -8.86 8.78 26.94
C2 OCT P . -9.50 8.65 25.56
C3 OCT P . -9.85 7.21 25.22
C4 OCT P . -10.38 7.04 23.80
C5 OCT P . -9.39 6.37 22.85
C6 OCT P . -9.50 4.85 22.82
C7 OCT P . -8.95 4.24 21.53
C8 OCT P . -7.86 3.20 21.79
H11 OCT P . -8.66 9.71 27.15
H12 OCT P . -8.04 8.27 26.99
H13 OCT P . -9.46 8.46 27.63
H21 OCT P . -8.89 9.01 24.89
H22 OCT P . -10.30 9.20 25.51
H31 OCT P . -10.52 6.89 25.84
H32 OCT P . -9.07 6.65 25.33
H41 OCT P . -10.63 7.91 23.44
H42 OCT P . -11.20 6.53 23.82
H51 OCT P . -8.50 6.62 23.11
H52 OCT P . -9.52 6.72 21.96
H61 OCT P . -10.43 4.60 22.92
H62 OCT P . -9.03 4.48 23.58
H71 OCT P . -8.60 4.95 20.97
H72 OCT P . -9.68 3.83 21.03
H81 OCT P . -7.10 3.58 22.27
H82 OCT P . -7.52 2.83 20.97
H83 OCT P . -8.19 2.46 22.32
C1 OCT Q . -20.59 5.83 27.09
C2 OCT Q . -21.69 5.08 27.84
C3 OCT Q . -22.60 4.27 26.93
C4 OCT Q . -24.09 4.47 27.15
C5 OCT Q . -24.68 3.39 28.07
C6 OCT Q . -25.52 2.34 27.34
C7 OCT Q . -27.04 2.53 27.49
C8 OCT Q . -27.55 3.87 26.98
H11 OCT Q . -20.96 6.32 26.34
H12 OCT Q . -19.92 5.22 26.75
H13 OCT Q . -20.15 6.47 27.67
H21 OCT Q . -22.23 5.71 28.35
H22 OCT Q . -21.28 4.49 28.50
H31 OCT Q . -22.38 3.32 27.03
H32 OCT Q . -22.39 4.49 26.01
H41 OCT Q . -24.56 4.46 26.30
H42 OCT Q . -24.25 5.34 27.54
H51 OCT Q . -25.23 3.82 28.74
H52 OCT Q . -23.97 2.96 28.54
H61 OCT Q . -25.28 1.47 27.65
H62 OCT Q . -25.30 2.36 26.39
H71 OCT Q . -27.27 2.43 28.43
H72 OCT Q . -27.48 1.81 27.03
H81 OCT Q . -28.51 3.96 27.10
H82 OCT Q . -27.37 3.98 26.02
H83 OCT Q . -27.13 4.61 27.43
C1 OCT R . -28.06 5.22 9.31
C2 OCT R . -28.56 3.88 8.79
C3 OCT R . -29.13 2.98 9.88
C4 OCT R . -28.31 3.00 11.17
C5 OCT R . -28.61 1.85 12.14
C6 OCT R . -28.40 0.45 11.57
C7 OCT R . -28.71 -0.66 12.57
C8 OCT R . -29.07 -1.97 11.89
H11 OCT R . -27.26 5.12 9.84
H12 OCT R . -28.73 5.65 9.86
H13 OCT R . -27.85 5.83 8.58
H21 OCT R . -27.83 3.42 8.35
H22 OCT R . -29.24 4.03 8.11
H31 OCT R . -29.19 2.07 9.54
H32 OCT R . -30.04 3.26 10.08
H41 OCT R . -28.46 3.84 11.61
H42 OCT R . -27.37 2.97 10.93
H51 OCT R . -29.53 1.93 12.45
H52 OCT R . -28.06 1.96 12.93
H61 OCT R . -27.49 0.37 11.26
H62 OCT R . -28.96 0.35 10.78
H71 OCT R . -29.45 -0.37 13.14
H72 OCT R . -27.95 -0.78 13.15
H81 OCT R . -28.43 -2.21 11.21
H82 OCT R . -29.94 -1.93 11.46
H83 OCT R . -29.11 -2.70 12.53
C1 OCT S . -25.25 3.79 4.34
C2 OCT S . -25.89 2.42 4.44
C3 OCT S . -24.97 1.29 3.98
C4 OCT S . -25.39 -0.09 4.46
C5 OCT S . -26.86 -0.41 4.20
C6 OCT S . -27.24 -1.86 4.49
C7 OCT S . -27.23 -2.21 5.97
C8 OCT S . -26.71 -3.62 6.24
H11 OCT S . -25.89 4.48 4.56
H12 OCT S . -24.92 3.95 3.44
H13 OCT S . -24.50 3.87 4.95
H21 OCT S . -26.70 2.39 3.92
H22 OCT S . -26.15 2.25 5.36
H31 OCT S . -24.06 1.47 4.28
H32 OCT S . -24.92 1.30 3.01
H41 OCT S . -25.21 -0.17 5.41
H42 OCT S . -24.84 -0.76 4.03
H51 OCT S . -27.07 -0.19 3.28
H52 OCT S . -27.41 0.18 4.74
H61 OCT S . -26.63 -2.44 4.02
H62 OCT S . -28.12 -2.03 4.12
H71 OCT S . -28.14 -2.12 6.32
H72 OCT S . -26.70 -1.56 6.46
H81 OCT S . -25.81 -3.73 5.91
H82 OCT S . -27.26 -4.29 5.81
H83 OCT S . -26.70 -3.82 7.19
C1 OCT T . -3.04 1.14 14.15
C2 OCT T . -3.40 -0.30 14.49
C3 OCT T . -4.20 -0.43 15.78
C4 OCT T . -5.16 -1.61 15.79
C5 OCT T . -4.53 -2.95 15.44
C6 OCT T . -5.55 -4.07 15.25
C7 OCT T . -6.49 -4.25 16.44
C8 OCT T . -7.14 -5.62 16.47
H11 OCT T . -2.78 1.23 13.21
H12 OCT T . -2.29 1.45 14.68
H13 OCT T . -3.78 1.74 14.31
H21 OCT T . -2.59 -0.83 14.56
H22 OCT T . -3.90 -0.69 13.75
H31 OCT T . -4.70 0.39 15.92
H32 OCT T . -3.59 -0.50 16.53
H41 OCT T . -5.90 -1.44 15.18
H42 OCT T . -5.57 -1.68 16.67
H51 OCT T . -3.90 -3.20 16.14
H52 OCT T . -4.00 -2.85 14.64
H61 OCT T . -5.08 -4.91 15.09
H62 OCT T . -6.07 -3.89 14.45
H71 OCT T . -7.17 -3.56 16.41
H72 OCT T . -6.00 -4.10 17.26
H81 OCT T . -6.49 -6.33 16.62
H82 OCT T . -7.60 -5.83 15.63
H83 OCT T . -7.80 -5.70 17.17
C1 OCT U . -0.62 8.33 14.31
C2 OCT U . -1.10 7.17 15.19
C3 OCT U . -1.74 7.64 16.49
C4 OCT U . -3.13 7.07 16.74
C5 OCT U . -3.16 5.94 17.75
C6 OCT U . -2.52 4.64 17.25
C7 OCT U . -2.87 3.43 18.11
C8 OCT U . -3.10 2.18 17.28
H11 OCT U . 0.03 8.88 14.79
H12 OCT U . -1.36 8.91 14.06
H13 OCT U . -0.21 8.01 13.50
H21 OCT U . -0.35 6.59 15.38
H22 OCT U . -1.74 6.64 14.69
H31 OCT U . -1.78 8.60 16.49
H32 OCT U . -1.16 7.40 17.23
H41 OCT U . -3.50 6.76 15.89
H42 OCT U . -3.71 7.78 17.04
H51 OCT U . -4.08 5.76 18.01
H52 OCT U . -2.71 6.22 18.56
H61 OCT U . -1.56 4.75 17.21
H62 OCT U . -2.80 4.48 16.33
H71 OCT U . -3.66 3.63 18.64
H72 OCT U . -2.16 3.28 18.75
H81 OCT U . -2.27 1.83 16.92
H82 OCT U . -3.70 2.33 16.54
H83 OCT U . -3.49 1.47 17.82
C1 OCT V . -26.12 -18.00 11.38
C2 OCT V . -25.82 -16.53 11.67
C3 OCT V . -24.52 -16.34 12.43
C4 OCT V . -23.35 -15.93 11.55
C5 OCT V . -22.99 -16.97 10.50
C6 OCT V . -21.51 -17.02 10.18
C7 OCT V . -20.68 -17.75 11.24
C8 OCT V . -19.52 -16.91 11.77
H11 OCT V . -25.48 -18.37 10.76
H12 OCT V . -27.01 -18.10 11.01
H13 OCT V . -26.09 -18.53 12.19
H21 OCT V . -26.55 -16.14 12.17
H22 OCT V . -25.78 -16.04 10.83
H31 OCT V . -24.30 -17.16 12.90
H32 OCT V . -24.66 -15.66 13.11
H41 OCT V . -22.57 -15.76 12.11
H42 OCT V . -23.55 -15.09 11.11
H51 OCT V . -23.48 -16.79 9.68
H52 OCT V . -23.29 -17.85 10.80
H61 OCT V . -21.16 -16.12 10.07
H62 OCT V . -21.37 -17.46 9.33
H71 OCT V . -20.34 -18.58 10.88
H72 OCT V . -21.26 -18.00 11.98
H81 OCT V . -19.82 -16.06 12.13
H82 OCT V . -18.88 -16.71 11.07
H83 OCT V . -19.04 -17.37 12.47
CA CA W . -22.96 11.95 10.00
#